data_2EGM
#
_entry.id   2EGM
#
loop_
_entity.id
_entity.type
_entity.pdbx_description
1 polymer 'Tripartite motif-containing protein 41'
2 non-polymer 'ZINC ION'
#
_entity_poly.entity_id   1
_entity_poly.type   'polypeptide(L)'
_entity_poly.pdbx_seq_one_letter_code
;GSSGSSGTPGRGSRVTDQGICPKHQEALKLFCEVDEEAICVVCRESRSHKQHSVVPL
;
_entity_poly.pdbx_strand_id   A
#
# COMPACT_ATOMS: atom_id res chain seq x y z
N GLY A 1 -39.09 6.66 20.96
CA GLY A 1 -37.72 6.95 20.54
C GLY A 1 -37.17 5.91 19.58
N SER A 2 -36.94 6.33 18.34
CA SER A 2 -36.41 5.42 17.32
C SER A 2 -34.95 5.70 17.06
N SER A 3 -34.31 4.80 16.31
CA SER A 3 -32.89 4.94 15.99
C SER A 3 -32.55 4.22 14.69
N GLY A 4 -31.67 4.82 13.89
CA GLY A 4 -31.28 4.22 12.63
C GLY A 4 -30.29 3.08 12.82
N SER A 5 -30.72 2.05 13.54
CA SER A 5 -29.86 0.90 13.79
C SER A 5 -29.85 -0.04 12.59
N SER A 6 -29.68 0.52 11.40
CA SER A 6 -29.65 -0.26 10.17
C SER A 6 -28.31 -0.10 9.45
N GLY A 7 -27.70 -1.22 9.09
CA GLY A 7 -26.43 -1.18 8.40
C GLY A 7 -26.05 -2.52 7.80
N THR A 8 -25.01 -2.53 6.97
CA THR A 8 -24.55 -3.75 6.33
C THR A 8 -23.21 -4.20 6.90
N PRO A 9 -23.04 -5.52 7.06
CA PRO A 9 -21.80 -6.10 7.59
C PRO A 9 -20.64 -5.96 6.62
N GLY A 10 -19.44 -5.78 7.17
CA GLY A 10 -18.26 -5.62 6.34
C GLY A 10 -17.39 -6.87 6.36
N ARG A 11 -17.42 -7.63 5.26
CA ARG A 11 -16.63 -8.85 5.15
C ARG A 11 -15.27 -8.56 4.54
N GLY A 12 -14.39 -9.56 4.56
CA GLY A 12 -13.06 -9.39 4.00
C GLY A 12 -11.98 -9.96 4.90
N SER A 13 -11.70 -9.28 6.00
CA SER A 13 -10.67 -9.72 6.93
C SER A 13 -9.33 -9.86 6.24
N ARG A 14 -8.96 -8.84 5.46
CA ARG A 14 -7.70 -8.84 4.75
C ARG A 14 -7.26 -7.43 4.39
N VAL A 15 -5.97 -7.15 4.52
CA VAL A 15 -5.44 -5.83 4.21
C VAL A 15 -5.52 -5.54 2.72
N THR A 16 -5.71 -4.27 2.38
CA THR A 16 -5.80 -3.86 0.98
C THR A 16 -4.86 -2.70 0.68
N ASP A 17 -4.23 -2.17 1.73
CA ASP A 17 -3.30 -1.06 1.57
C ASP A 17 -1.91 -1.56 1.20
N GLN A 18 -1.85 -2.76 0.64
CA GLN A 18 -0.59 -3.35 0.23
C GLN A 18 -0.68 -3.91 -1.19
N GLY A 19 -1.40 -3.21 -2.05
CA GLY A 19 -1.55 -3.65 -3.42
C GLY A 19 -0.29 -3.44 -4.25
N ILE A 20 -0.29 -2.38 -5.05
CA ILE A 20 0.86 -2.06 -5.89
C ILE A 20 1.01 -0.56 -6.08
N CYS A 21 2.26 -0.09 -6.11
CA CYS A 21 2.54 1.33 -6.28
C CYS A 21 2.27 1.76 -7.72
N PRO A 22 1.34 2.71 -7.89
CA PRO A 22 0.98 3.24 -9.21
C PRO A 22 2.09 4.07 -9.83
N LYS A 23 3.25 4.09 -9.18
CA LYS A 23 4.40 4.84 -9.67
C LYS A 23 5.49 3.91 -10.19
N HIS A 24 5.90 2.96 -9.35
CA HIS A 24 6.93 2.00 -9.72
C HIS A 24 6.33 0.62 -9.96
N GLN A 25 5.08 0.45 -9.54
CA GLN A 25 4.40 -0.83 -9.69
C GLN A 25 5.14 -1.95 -8.96
N GLU A 26 5.43 -1.72 -7.68
CA GLU A 26 6.13 -2.71 -6.87
C GLU A 26 5.31 -3.09 -5.64
N ALA A 27 5.25 -4.39 -5.36
CA ALA A 27 4.50 -4.89 -4.22
C ALA A 27 4.68 -3.97 -3.01
N LEU A 28 3.57 -3.36 -2.57
CA LEU A 28 3.61 -2.46 -1.42
C LEU A 28 3.85 -3.23 -0.14
N LYS A 29 5.06 -3.12 0.40
CA LYS A 29 5.43 -3.80 1.64
C LYS A 29 5.98 -2.81 2.66
N LEU A 30 5.61 -1.54 2.52
CA LEU A 30 6.08 -0.51 3.43
C LEU A 30 5.05 0.61 3.55
N PHE A 31 5.07 1.30 4.68
CA PHE A 31 4.13 2.40 4.92
C PHE A 31 4.86 3.61 5.50
N CYS A 32 4.80 4.73 4.78
CA CYS A 32 5.45 5.95 5.23
C CYS A 32 4.79 6.49 6.49
N GLU A 33 5.54 6.50 7.59
CA GLU A 33 5.03 7.00 8.86
C GLU A 33 5.08 8.52 8.92
N VAL A 34 5.41 9.14 7.79
CA VAL A 34 5.48 10.59 7.70
C VAL A 34 4.37 11.15 6.83
N ASP A 35 3.99 10.39 5.81
CA ASP A 35 2.93 10.82 4.90
C ASP A 35 1.65 10.02 5.14
N GLU A 36 1.79 8.90 5.84
CA GLU A 36 0.64 8.04 6.14
C GLU A 36 0.06 7.45 4.86
N GLU A 37 0.93 6.94 4.00
CA GLU A 37 0.50 6.34 2.73
C GLU A 37 1.36 5.14 2.38
N ALA A 38 0.71 4.06 1.96
CA ALA A 38 1.41 2.84 1.59
C ALA A 38 2.38 3.10 0.44
N ILE A 39 3.57 2.50 0.53
CA ILE A 39 4.58 2.66 -0.51
C ILE A 39 5.28 1.34 -0.81
N CYS A 40 6.14 1.36 -1.83
CA CYS A 40 6.87 0.16 -2.22
C CYS A 40 8.37 0.31 -1.92
N VAL A 41 9.12 -0.77 -2.11
CA VAL A 41 10.56 -0.75 -1.86
C VAL A 41 11.22 0.41 -2.59
N VAL A 42 10.83 0.61 -3.85
CA VAL A 42 11.40 1.69 -4.66
C VAL A 42 11.13 3.05 -4.03
N CYS A 43 9.87 3.27 -3.63
CA CYS A 43 9.49 4.53 -3.00
C CYS A 43 10.36 4.84 -1.80
N ARG A 44 10.52 3.85 -0.92
CA ARG A 44 11.33 4.02 0.29
C ARG A 44 12.74 4.48 -0.07
N GLU A 45 13.35 3.79 -1.03
CA GLU A 45 14.70 4.11 -1.46
C GLU A 45 14.74 5.50 -2.12
N SER A 46 13.62 5.90 -2.70
CA SER A 46 13.52 7.20 -3.36
C SER A 46 13.55 8.34 -2.34
N ARG A 47 14.44 9.30 -2.57
CA ARG A 47 14.58 10.43 -1.67
C ARG A 47 13.21 10.92 -1.19
N SER A 48 12.18 10.65 -2.00
CA SER A 48 10.82 11.07 -1.67
C SER A 48 10.45 10.59 -0.27
N HIS A 49 10.57 9.29 -0.04
CA HIS A 49 10.24 8.70 1.26
C HIS A 49 11.46 8.07 1.89
N LYS A 50 12.64 8.49 1.46
CA LYS A 50 13.90 7.97 1.98
C LYS A 50 14.18 8.53 3.37
N GLN A 51 14.05 9.85 3.51
CA GLN A 51 14.29 10.52 4.79
C GLN A 51 13.15 10.23 5.77
N HIS A 52 11.99 9.86 5.23
CA HIS A 52 10.83 9.56 6.06
C HIS A 52 10.96 8.19 6.70
N SER A 53 10.55 8.09 7.97
CA SER A 53 10.63 6.83 8.70
C SER A 53 9.58 5.83 8.19
N VAL A 54 9.98 5.01 7.23
CA VAL A 54 9.09 4.01 6.65
C VAL A 54 9.15 2.70 7.43
N VAL A 55 8.00 2.04 7.55
CA VAL A 55 7.93 0.78 8.26
C VAL A 55 7.33 -0.32 7.39
N PRO A 56 7.72 -1.58 7.66
CA PRO A 56 7.25 -2.73 6.90
C PRO A 56 5.77 -3.03 7.16
N LEU A 57 4.94 -2.76 6.17
CA LEU A 57 3.50 -2.99 6.29
C LEU A 57 3.23 -4.36 6.91
N GLY A 1 -28.60 -19.23 -13.33
CA GLY A 1 -28.29 -20.09 -12.20
C GLY A 1 -27.86 -19.30 -10.97
N SER A 2 -26.79 -19.74 -10.32
CA SER A 2 -26.29 -19.07 -9.13
C SER A 2 -24.79 -19.31 -8.96
N SER A 3 -24.02 -18.24 -9.10
CA SER A 3 -22.57 -18.32 -8.98
C SER A 3 -21.94 -16.93 -8.90
N GLY A 4 -21.05 -16.74 -7.93
CA GLY A 4 -20.40 -15.45 -7.77
C GLY A 4 -19.01 -15.43 -8.39
N SER A 5 -18.54 -14.22 -8.73
CA SER A 5 -17.22 -14.07 -9.33
C SER A 5 -16.12 -14.41 -8.34
N SER A 6 -15.78 -15.69 -8.26
CA SER A 6 -14.74 -16.15 -7.35
C SER A 6 -14.04 -17.40 -7.90
N GLY A 7 -12.81 -17.62 -7.45
CA GLY A 7 -12.05 -18.76 -7.92
C GLY A 7 -10.99 -19.20 -6.93
N THR A 8 -11.36 -19.25 -5.65
CA THR A 8 -10.44 -19.66 -4.60
C THR A 8 -11.09 -20.66 -3.65
N PRO A 9 -10.30 -21.65 -3.20
CA PRO A 9 -10.77 -22.69 -2.30
C PRO A 9 -11.05 -22.15 -0.90
N GLY A 10 -10.71 -20.89 -0.67
CA GLY A 10 -10.94 -20.27 0.62
C GLY A 10 -10.15 -18.99 0.81
N ARG A 11 -10.55 -18.19 1.78
CA ARG A 11 -9.87 -16.92 2.04
C ARG A 11 -8.43 -17.16 2.49
N GLY A 12 -7.66 -16.08 2.61
CA GLY A 12 -6.28 -16.20 3.03
C GLY A 12 -5.51 -14.91 2.85
N SER A 13 -5.68 -14.28 1.70
CA SER A 13 -4.99 -13.02 1.42
C SER A 13 -5.88 -11.82 1.73
N ARG A 14 -5.56 -11.12 2.81
CA ARG A 14 -6.33 -9.96 3.22
C ARG A 14 -5.51 -8.68 3.06
N VAL A 15 -5.67 -8.03 1.90
CA VAL A 15 -4.95 -6.79 1.62
C VAL A 15 -5.91 -5.67 1.25
N THR A 16 -5.60 -4.46 1.71
CA THR A 16 -6.44 -3.31 1.42
C THR A 16 -5.59 -2.10 1.01
N ASP A 17 -4.40 -2.00 1.59
CA ASP A 17 -3.49 -0.90 1.28
C ASP A 17 -2.09 -1.42 1.00
N GLN A 18 -2.00 -2.65 0.51
CA GLN A 18 -0.72 -3.26 0.19
C GLN A 18 -0.74 -3.90 -1.20
N GLY A 19 -1.43 -3.26 -2.13
CA GLY A 19 -1.52 -3.79 -3.48
C GLY A 19 -0.24 -3.56 -4.28
N ILE A 20 -0.25 -2.52 -5.11
CA ILE A 20 0.91 -2.21 -5.93
C ILE A 20 1.04 -0.70 -6.13
N CYS A 21 2.28 -0.22 -6.16
CA CYS A 21 2.55 1.20 -6.34
C CYS A 21 2.23 1.63 -7.78
N PRO A 22 1.28 2.56 -7.92
CA PRO A 22 0.87 3.07 -9.23
C PRO A 22 1.95 3.94 -9.88
N LYS A 23 3.12 3.99 -9.25
CA LYS A 23 4.23 4.78 -9.76
C LYS A 23 5.34 3.88 -10.30
N HIS A 24 5.78 2.93 -9.47
CA HIS A 24 6.83 2.00 -9.86
C HIS A 24 6.27 0.61 -10.10
N GLN A 25 5.04 0.38 -9.62
CA GLN A 25 4.38 -0.91 -9.78
C GLN A 25 5.13 -2.00 -9.01
N GLU A 26 5.44 -1.71 -7.75
CA GLU A 26 6.15 -2.66 -6.91
C GLU A 26 5.32 -3.04 -5.69
N ALA A 27 5.26 -4.34 -5.39
CA ALA A 27 4.50 -4.82 -4.26
C ALA A 27 4.63 -3.91 -3.05
N LEU A 28 3.52 -3.33 -2.62
CA LEU A 28 3.52 -2.43 -1.48
C LEU A 28 3.72 -3.20 -0.17
N LYS A 29 4.91 -3.08 0.40
CA LYS A 29 5.24 -3.75 1.65
C LYS A 29 5.85 -2.78 2.66
N LEU A 30 5.54 -1.49 2.49
CA LEU A 30 6.04 -0.47 3.39
C LEU A 30 5.01 0.63 3.61
N PHE A 31 5.14 1.33 4.73
CA PHE A 31 4.21 2.41 5.06
C PHE A 31 4.96 3.63 5.59
N CYS A 32 4.78 4.77 4.93
CA CYS A 32 5.43 6.01 5.34
C CYS A 32 4.79 6.57 6.60
N GLU A 33 5.55 6.56 7.69
CA GLU A 33 5.06 7.08 8.97
C GLU A 33 5.05 8.61 8.98
N VAL A 34 5.37 9.19 7.83
CA VAL A 34 5.40 10.65 7.70
C VAL A 34 4.29 11.14 6.79
N ASP A 35 3.96 10.33 5.79
CA ASP A 35 2.90 10.69 4.84
C ASP A 35 1.65 9.86 5.09
N GLU A 36 1.80 8.79 5.87
CA GLU A 36 0.68 7.91 6.17
C GLU A 36 0.07 7.33 4.90
N GLU A 37 0.94 6.87 4.00
CA GLU A 37 0.50 6.29 2.74
C GLU A 37 1.38 5.09 2.36
N ALA A 38 0.73 3.98 2.01
CA ALA A 38 1.45 2.78 1.62
C ALA A 38 2.39 3.05 0.45
N ILE A 39 3.58 2.46 0.51
CA ILE A 39 4.58 2.64 -0.54
C ILE A 39 5.32 1.34 -0.82
N CYS A 40 6.06 1.32 -1.93
CA CYS A 40 6.82 0.14 -2.31
C CYS A 40 8.31 0.34 -2.03
N VAL A 41 9.07 -0.75 -2.07
CA VAL A 41 10.51 -0.70 -1.82
C VAL A 41 11.15 0.48 -2.54
N VAL A 42 10.86 0.60 -3.83
CA VAL A 42 11.42 1.69 -4.64
C VAL A 42 11.11 3.04 -4.01
N CYS A 43 9.84 3.25 -3.66
CA CYS A 43 9.42 4.51 -3.04
C CYS A 43 10.27 4.83 -1.82
N ARG A 44 10.39 3.86 -0.92
CA ARG A 44 11.17 4.05 0.30
C ARG A 44 12.60 4.46 -0.02
N GLU A 45 13.21 3.76 -0.98
CA GLU A 45 14.57 4.06 -1.39
C GLU A 45 14.67 5.46 -2.00
N SER A 46 13.59 5.89 -2.64
CA SER A 46 13.55 7.21 -3.26
C SER A 46 13.63 8.31 -2.21
N ARG A 47 14.63 9.19 -2.36
CA ARG A 47 14.81 10.30 -1.43
C ARG A 47 13.46 10.88 -0.99
N SER A 48 12.45 10.73 -1.84
CA SER A 48 11.12 11.24 -1.55
C SER A 48 10.66 10.79 -0.17
N HIS A 49 10.67 9.48 0.05
CA HIS A 49 10.26 8.91 1.34
C HIS A 49 11.47 8.48 2.16
N LYS A 50 12.57 8.20 1.47
CA LYS A 50 13.80 7.78 2.13
C LYS A 50 13.95 8.45 3.49
N GLN A 51 14.16 9.76 3.48
CA GLN A 51 14.30 10.52 4.71
C GLN A 51 13.21 10.17 5.71
N HIS A 52 11.99 10.02 5.20
CA HIS A 52 10.84 9.69 6.04
C HIS A 52 11.03 8.31 6.69
N SER A 53 10.58 8.19 7.93
CA SER A 53 10.69 6.94 8.66
C SER A 53 9.66 5.92 8.18
N VAL A 54 10.04 5.12 7.20
CA VAL A 54 9.14 4.10 6.65
C VAL A 54 9.27 2.79 7.41
N VAL A 55 8.14 2.08 7.53
CA VAL A 55 8.12 0.80 8.23
C VAL A 55 7.53 -0.30 7.35
N PRO A 56 7.95 -1.55 7.62
CA PRO A 56 7.47 -2.71 6.87
C PRO A 56 6.02 -3.04 7.15
N LEU A 57 5.15 -2.73 6.20
CA LEU A 57 3.72 -2.99 6.36
C LEU A 57 3.48 -4.35 7.00
N GLY A 1 -44.74 -9.56 -12.65
CA GLY A 1 -45.00 -10.79 -13.38
C GLY A 1 -44.62 -12.02 -12.58
N SER A 2 -44.58 -13.17 -13.26
CA SER A 2 -44.23 -14.43 -12.60
C SER A 2 -42.91 -14.97 -13.13
N SER A 3 -41.81 -14.49 -12.55
CA SER A 3 -40.48 -14.92 -12.97
C SER A 3 -39.66 -15.37 -11.77
N GLY A 4 -39.49 -14.46 -10.81
CA GLY A 4 -38.72 -14.79 -9.62
C GLY A 4 -37.27 -14.37 -9.73
N SER A 5 -36.49 -14.64 -8.69
CA SER A 5 -35.07 -14.29 -8.69
C SER A 5 -34.35 -14.99 -7.54
N SER A 6 -33.08 -15.32 -7.76
CA SER A 6 -32.28 -15.99 -6.75
C SER A 6 -30.82 -15.55 -6.85
N GLY A 7 -30.00 -16.07 -5.93
CA GLY A 7 -28.58 -15.72 -5.92
C GLY A 7 -28.18 -14.94 -4.68
N THR A 8 -27.09 -15.36 -4.06
CA THR A 8 -26.59 -14.70 -2.85
C THR A 8 -25.45 -13.75 -3.18
N PRO A 9 -25.51 -12.53 -2.60
CA PRO A 9 -24.49 -11.51 -2.81
C PRO A 9 -23.16 -11.87 -2.14
N GLY A 10 -22.15 -11.03 -2.34
CA GLY A 10 -20.85 -11.27 -1.75
C GLY A 10 -20.07 -10.00 -1.51
N ARG A 11 -19.71 -9.75 -0.25
CA ARG A 11 -18.96 -8.55 0.10
C ARG A 11 -18.46 -8.63 1.54
N GLY A 12 -17.40 -7.89 1.84
CA GLY A 12 -16.84 -7.90 3.18
C GLY A 12 -15.35 -8.19 3.18
N SER A 13 -14.56 -7.20 2.77
CA SER A 13 -13.11 -7.35 2.72
C SER A 13 -12.44 -6.02 2.43
N ARG A 14 -11.60 -5.57 3.36
CA ARG A 14 -10.88 -4.31 3.19
C ARG A 14 -9.51 -4.37 3.85
N VAL A 15 -8.51 -3.82 3.16
CA VAL A 15 -7.15 -3.83 3.67
C VAL A 15 -6.38 -2.59 3.19
N THR A 16 -5.43 -2.14 4.00
CA THR A 16 -4.63 -0.98 3.67
C THR A 16 -4.14 -1.04 2.23
N ASP A 17 -3.56 0.07 1.76
CA ASP A 17 -3.05 0.13 0.40
C ASP A 17 -1.73 -0.62 0.27
N GLN A 18 -1.76 -1.91 0.55
CA GLN A 18 -0.56 -2.74 0.47
C GLN A 18 -0.59 -3.63 -0.77
N GLY A 19 -1.04 -3.06 -1.89
CA GLY A 19 -1.12 -3.81 -3.13
C GLY A 19 0.07 -3.55 -4.03
N ILE A 20 -0.08 -2.62 -4.96
CA ILE A 20 0.99 -2.28 -5.89
C ILE A 20 1.09 -0.77 -6.08
N CYS A 21 2.33 -0.28 -6.14
CA CYS A 21 2.57 1.15 -6.32
C CYS A 21 2.25 1.58 -7.75
N PRO A 22 1.31 2.53 -7.89
CA PRO A 22 0.90 3.05 -9.20
C PRO A 22 1.99 3.89 -9.86
N LYS A 23 3.17 3.91 -9.24
CA LYS A 23 4.29 4.68 -9.77
C LYS A 23 5.39 3.75 -10.30
N HIS A 24 5.81 2.81 -9.46
CA HIS A 24 6.85 1.87 -9.85
C HIS A 24 6.27 0.47 -10.05
N GLN A 25 5.03 0.28 -9.59
CA GLN A 25 4.36 -1.00 -9.72
C GLN A 25 5.10 -2.09 -8.95
N GLU A 26 5.39 -1.81 -7.69
CA GLU A 26 6.10 -2.76 -6.83
C GLU A 26 5.26 -3.12 -5.61
N ALA A 27 5.18 -4.41 -5.32
CA ALA A 27 4.41 -4.89 -4.18
C ALA A 27 4.61 -3.99 -2.97
N LEU A 28 3.59 -3.22 -2.63
CA LEU A 28 3.66 -2.32 -1.48
C LEU A 28 3.81 -3.10 -0.18
N LYS A 29 5.01 -3.08 0.38
CA LYS A 29 5.29 -3.79 1.63
C LYS A 29 5.81 -2.82 2.69
N LEU A 30 5.60 -1.53 2.47
CA LEU A 30 6.05 -0.51 3.40
C LEU A 30 4.98 0.54 3.61
N PHE A 31 5.13 1.33 4.68
CA PHE A 31 4.17 2.38 4.99
C PHE A 31 4.87 3.59 5.60
N CYS A 32 4.89 4.69 4.86
CA CYS A 32 5.53 5.92 5.32
C CYS A 32 4.85 6.44 6.59
N GLU A 33 5.60 6.47 7.69
CA GLU A 33 5.08 6.94 8.96
C GLU A 33 5.06 8.46 9.01
N VAL A 34 5.41 9.09 7.89
CA VAL A 34 5.43 10.55 7.80
C VAL A 34 4.31 11.05 6.90
N ASP A 35 3.94 10.24 5.91
CA ASP A 35 2.89 10.61 4.98
C ASP A 35 1.63 9.78 5.21
N GLU A 36 1.79 8.68 5.95
CA GLU A 36 0.67 7.79 6.24
C GLU A 36 0.11 7.17 4.97
N GLU A 37 1.01 6.70 4.11
CA GLU A 37 0.60 6.09 2.85
C GLU A 37 1.51 4.91 2.50
N ALA A 38 0.90 3.78 2.14
CA ALA A 38 1.65 2.58 1.79
C ALA A 38 2.50 2.82 0.55
N ILE A 39 3.77 2.43 0.61
CA ILE A 39 4.67 2.60 -0.51
C ILE A 39 5.40 1.29 -0.83
N CYS A 40 6.20 1.32 -1.89
CA CYS A 40 6.95 0.13 -2.31
C CYS A 40 8.45 0.33 -2.07
N VAL A 41 9.20 -0.77 -2.11
CA VAL A 41 10.64 -0.72 -1.90
C VAL A 41 11.26 0.47 -2.62
N VAL A 42 10.96 0.60 -3.91
CA VAL A 42 11.49 1.69 -4.72
C VAL A 42 11.17 3.04 -4.09
N CYS A 43 9.90 3.23 -3.73
CA CYS A 43 9.46 4.48 -3.12
C CYS A 43 10.30 4.80 -1.88
N ARG A 44 10.43 3.82 -0.99
CA ARG A 44 11.20 4.00 0.24
C ARG A 44 12.61 4.51 -0.08
N GLU A 45 13.26 3.89 -1.06
CA GLU A 45 14.60 4.28 -1.45
C GLU A 45 14.60 5.66 -2.09
N SER A 46 13.49 6.01 -2.73
CA SER A 46 13.36 7.31 -3.39
C SER A 46 13.36 8.44 -2.37
N ARG A 47 14.23 9.43 -2.59
CA ARG A 47 14.33 10.57 -1.69
C ARG A 47 12.94 10.99 -1.18
N SER A 48 11.91 10.72 -1.99
CA SER A 48 10.55 11.06 -1.62
C SER A 48 10.21 10.54 -0.23
N HIS A 49 10.53 9.27 0.01
CA HIS A 49 10.26 8.63 1.30
C HIS A 49 11.52 8.01 1.86
N LYS A 50 12.67 8.55 1.48
CA LYS A 50 13.95 8.05 1.96
C LYS A 50 14.25 8.56 3.36
N GLN A 51 14.03 9.85 3.57
CA GLN A 51 14.27 10.47 4.87
C GLN A 51 13.14 10.18 5.84
N HIS A 52 11.98 9.82 5.29
CA HIS A 52 10.81 9.52 6.11
C HIS A 52 10.95 8.14 6.76
N SER A 53 10.53 8.04 8.01
CA SER A 53 10.61 6.79 8.75
C SER A 53 9.56 5.79 8.24
N VAL A 54 9.95 4.99 7.25
CA VAL A 54 9.05 4.00 6.67
C VAL A 54 9.09 2.70 7.47
N VAL A 55 7.96 2.00 7.49
CA VAL A 55 7.85 0.74 8.22
C VAL A 55 7.28 -0.36 7.33
N PRO A 56 7.64 -1.61 7.64
CA PRO A 56 7.16 -2.78 6.89
C PRO A 56 5.67 -3.04 7.09
N LEU A 57 4.87 -2.71 6.10
CA LEU A 57 3.42 -2.91 6.17
C LEU A 57 3.09 -4.24 6.85
N GLY A 1 -30.19 20.97 -7.89
CA GLY A 1 -29.91 19.54 -7.81
C GLY A 1 -28.51 19.21 -8.27
N SER A 2 -27.51 19.88 -7.68
CA SER A 2 -26.11 19.65 -8.05
C SER A 2 -25.23 19.59 -6.81
N SER A 3 -24.21 18.74 -6.87
CA SER A 3 -23.29 18.59 -5.74
C SER A 3 -22.03 19.42 -5.95
N GLY A 4 -21.41 19.26 -7.12
CA GLY A 4 -20.20 20.00 -7.42
C GLY A 4 -18.98 19.44 -6.71
N SER A 5 -17.82 19.55 -7.34
CA SER A 5 -16.58 19.06 -6.75
C SER A 5 -15.54 20.17 -6.65
N SER A 6 -14.85 20.22 -5.52
CA SER A 6 -13.83 21.24 -5.29
C SER A 6 -12.49 20.60 -4.92
N GLY A 7 -11.45 21.42 -4.87
CA GLY A 7 -10.12 20.92 -4.53
C GLY A 7 -9.97 20.67 -3.04
N THR A 8 -9.16 19.69 -2.68
CA THR A 8 -8.93 19.36 -1.28
C THR A 8 -7.48 18.94 -1.05
N PRO A 9 -6.91 19.38 0.09
CA PRO A 9 -5.53 19.05 0.45
C PRO A 9 -5.35 17.59 0.81
N GLY A 10 -6.20 17.10 1.71
CA GLY A 10 -6.13 15.70 2.13
C GLY A 10 -4.90 15.42 2.98
N ARG A 11 -5.01 15.65 4.28
CA ARG A 11 -3.90 15.43 5.19
C ARG A 11 -3.81 13.94 5.58
N GLY A 12 -4.45 13.09 4.79
CA GLY A 12 -4.42 11.66 5.06
C GLY A 12 -4.78 10.83 3.85
N SER A 13 -3.80 10.10 3.33
CA SER A 13 -4.02 9.26 2.15
C SER A 13 -3.82 7.79 2.50
N ARG A 14 -4.87 7.16 3.01
CA ARG A 14 -4.81 5.75 3.38
C ARG A 14 -5.15 4.86 2.19
N VAL A 15 -4.50 3.71 2.13
CA VAL A 15 -4.72 2.77 1.04
C VAL A 15 -5.66 1.65 1.47
N THR A 16 -6.55 1.24 0.57
CA THR A 16 -7.50 0.17 0.85
C THR A 16 -6.79 -1.14 1.13
N ASP A 17 -5.63 -1.32 0.52
CA ASP A 17 -4.84 -2.54 0.70
C ASP A 17 -3.52 -2.45 -0.05
N GLN A 18 -2.41 -2.67 0.67
CA GLN A 18 -1.09 -2.61 0.08
C GLN A 18 -0.97 -3.58 -1.09
N GLY A 19 -1.45 -3.16 -2.26
CA GLY A 19 -1.39 -4.00 -3.43
C GLY A 19 -0.15 -3.73 -4.28
N ILE A 20 -0.24 -2.72 -5.13
CA ILE A 20 0.87 -2.35 -6.00
C ILE A 20 1.00 -0.84 -6.12
N CYS A 21 2.25 -0.37 -6.24
CA CYS A 21 2.51 1.06 -6.36
C CYS A 21 2.24 1.54 -7.78
N PRO A 22 1.31 2.49 -7.93
CA PRO A 22 0.94 3.04 -9.24
C PRO A 22 2.05 3.92 -9.82
N LYS A 23 3.21 3.91 -9.17
CA LYS A 23 4.34 4.70 -9.63
C LYS A 23 5.45 3.80 -10.18
N HIS A 24 5.85 2.82 -9.38
CA HIS A 24 6.90 1.88 -9.79
C HIS A 24 6.32 0.50 -10.03
N GLN A 25 5.08 0.29 -9.60
CA GLN A 25 4.41 -1.00 -9.77
C GLN A 25 5.12 -2.09 -8.99
N GLU A 26 5.43 -1.80 -7.72
CA GLU A 26 6.11 -2.75 -6.86
C GLU A 26 5.27 -3.07 -5.63
N ALA A 27 5.13 -4.36 -5.34
CA ALA A 27 4.35 -4.81 -4.19
C ALA A 27 4.61 -3.90 -2.98
N LEU A 28 3.59 -3.14 -2.59
CA LEU A 28 3.70 -2.25 -1.45
C LEU A 28 3.94 -3.02 -0.15
N LYS A 29 5.19 -2.99 0.32
CA LYS A 29 5.56 -3.69 1.54
C LYS A 29 6.13 -2.72 2.57
N LEU A 30 5.67 -1.48 2.52
CA LEU A 30 6.14 -0.45 3.45
C LEU A 30 5.07 0.63 3.65
N PHE A 31 5.21 1.39 4.73
CA PHE A 31 4.26 2.46 5.02
C PHE A 31 4.98 3.67 5.62
N CYS A 32 4.93 4.79 4.89
CA CYS A 32 5.57 6.01 5.34
C CYS A 32 4.91 6.54 6.61
N GLU A 33 5.69 6.61 7.70
CA GLU A 33 5.18 7.09 8.96
C GLU A 33 5.15 8.62 9.00
N VAL A 34 5.50 9.24 7.87
CA VAL A 34 5.52 10.69 7.77
C VAL A 34 4.40 11.18 6.86
N ASP A 35 4.01 10.36 5.90
CA ASP A 35 2.96 10.71 4.96
C ASP A 35 1.70 9.89 5.23
N GLU A 36 1.85 8.80 5.98
CA GLU A 36 0.72 7.94 6.30
C GLU A 36 0.14 7.29 5.04
N GLU A 37 1.03 6.78 4.19
CA GLU A 37 0.60 6.14 2.95
C GLU A 37 1.52 4.96 2.61
N ALA A 38 0.90 3.83 2.27
CA ALA A 38 1.66 2.63 1.91
C ALA A 38 2.50 2.86 0.66
N ILE A 39 3.78 2.51 0.74
CA ILE A 39 4.69 2.68 -0.39
C ILE A 39 5.42 1.37 -0.69
N CYS A 40 6.12 1.35 -1.83
CA CYS A 40 6.87 0.17 -2.23
C CYS A 40 8.37 0.35 -1.98
N VAL A 41 9.13 -0.73 -2.14
CA VAL A 41 10.56 -0.68 -1.92
C VAL A 41 11.20 0.48 -2.67
N VAL A 42 10.83 0.62 -3.95
CA VAL A 42 11.36 1.70 -4.78
C VAL A 42 11.05 3.06 -4.18
N CYS A 43 9.81 3.23 -3.72
CA CYS A 43 9.39 4.49 -3.12
C CYS A 43 10.25 4.83 -1.91
N ARG A 44 10.37 3.88 -0.99
CA ARG A 44 11.16 4.09 0.22
C ARG A 44 12.59 4.51 -0.12
N GLU A 45 13.18 3.84 -1.11
CA GLU A 45 14.53 4.16 -1.55
C GLU A 45 14.61 5.57 -2.12
N SER A 46 13.51 6.03 -2.71
CA SER A 46 13.45 7.35 -3.30
C SER A 46 13.57 8.43 -2.23
N ARG A 47 14.58 9.29 -2.36
CA ARG A 47 14.80 10.36 -1.41
C ARG A 47 13.48 10.94 -0.92
N SER A 48 12.46 10.88 -1.76
CA SER A 48 11.14 11.39 -1.42
C SER A 48 10.70 10.88 -0.06
N HIS A 49 10.73 9.57 0.12
CA HIS A 49 10.32 8.95 1.37
C HIS A 49 11.54 8.50 2.17
N LYS A 50 12.63 8.22 1.46
CA LYS A 50 13.87 7.79 2.10
C LYS A 50 14.04 8.44 3.47
N GLN A 51 14.22 9.75 3.47
CA GLN A 51 14.39 10.49 4.71
C GLN A 51 13.27 10.18 5.70
N HIS A 52 12.06 10.03 5.18
CA HIS A 52 10.90 9.73 6.01
C HIS A 52 11.06 8.37 6.69
N SER A 53 10.60 8.27 7.92
CA SER A 53 10.70 7.02 8.68
C SER A 53 9.68 6.00 8.18
N VAL A 54 10.09 5.19 7.23
CA VAL A 54 9.23 4.16 6.66
C VAL A 54 9.30 2.87 7.47
N VAL A 55 8.21 2.10 7.44
CA VAL A 55 8.15 0.84 8.17
C VAL A 55 7.51 -0.25 7.32
N PRO A 56 7.90 -1.51 7.59
CA PRO A 56 7.37 -2.67 6.86
C PRO A 56 5.91 -2.94 7.19
N LEU A 57 5.03 -2.64 6.25
CA LEU A 57 3.59 -2.86 6.44
C LEU A 57 3.34 -4.19 7.14
N GLY A 1 8.37 -38.46 6.29
CA GLY A 1 7.31 -37.57 5.83
C GLY A 1 7.44 -37.22 4.36
N SER A 2 6.67 -37.91 3.52
CA SER A 2 6.70 -37.67 2.09
C SER A 2 5.38 -37.07 1.60
N SER A 3 5.42 -35.78 1.25
CA SER A 3 4.23 -35.09 0.77
C SER A 3 4.61 -33.83 0.00
N GLY A 4 4.24 -33.79 -1.28
CA GLY A 4 4.56 -32.64 -2.10
C GLY A 4 3.51 -32.39 -3.17
N SER A 5 2.84 -31.24 -3.08
CA SER A 5 1.80 -30.89 -4.05
C SER A 5 2.33 -29.90 -5.08
N SER A 6 1.49 -29.55 -6.05
CA SER A 6 1.87 -28.62 -7.10
C SER A 6 0.86 -27.48 -7.21
N GLY A 7 1.34 -26.25 -7.07
CA GLY A 7 0.46 -25.10 -7.17
C GLY A 7 0.68 -24.30 -8.44
N THR A 8 -0.36 -23.61 -8.89
CA THR A 8 -0.28 -22.81 -10.11
C THR A 8 -0.90 -21.43 -9.90
N PRO A 9 -0.39 -20.45 -10.64
CA PRO A 9 -0.88 -19.07 -10.56
C PRO A 9 -2.28 -18.91 -11.13
N GLY A 10 -2.82 -17.70 -11.04
CA GLY A 10 -4.15 -17.43 -11.55
C GLY A 10 -4.91 -16.42 -10.72
N ARG A 11 -5.63 -16.90 -9.71
CA ARG A 11 -6.41 -16.04 -8.83
C ARG A 11 -5.69 -15.83 -7.50
N GLY A 12 -6.19 -14.90 -6.70
CA GLY A 12 -5.58 -14.62 -5.41
C GLY A 12 -6.33 -13.55 -4.64
N SER A 13 -6.43 -13.73 -3.32
CA SER A 13 -7.13 -12.77 -2.47
C SER A 13 -6.58 -11.36 -2.68
N ARG A 14 -7.33 -10.54 -3.39
CA ARG A 14 -6.92 -9.17 -3.66
C ARG A 14 -6.96 -8.33 -2.38
N VAL A 15 -6.08 -7.33 -2.31
CA VAL A 15 -6.02 -6.45 -1.14
C VAL A 15 -6.16 -4.99 -1.55
N THR A 16 -6.88 -4.23 -0.73
CA THR A 16 -7.09 -2.81 -1.01
C THR A 16 -5.84 -2.00 -0.70
N ASP A 17 -5.18 -2.32 0.40
CA ASP A 17 -3.96 -1.62 0.80
C ASP A 17 -2.73 -2.46 0.49
N GLN A 18 -1.55 -1.90 0.79
CA GLN A 18 -0.30 -2.60 0.54
C GLN A 18 -0.39 -3.46 -0.71
N GLY A 19 -0.95 -2.88 -1.78
CA GLY A 19 -1.09 -3.61 -3.03
C GLY A 19 0.08 -3.37 -3.97
N ILE A 20 -0.07 -2.39 -4.85
CA ILE A 20 0.98 -2.05 -5.81
C ILE A 20 1.09 -0.54 -6.00
N CYS A 21 2.32 -0.06 -6.13
CA CYS A 21 2.56 1.36 -6.33
C CYS A 21 2.26 1.77 -7.77
N PRO A 22 1.33 2.73 -7.93
CA PRO A 22 0.93 3.23 -9.24
C PRO A 22 2.03 4.06 -9.90
N LYS A 23 3.21 4.08 -9.28
CA LYS A 23 4.35 4.82 -9.82
C LYS A 23 5.44 3.88 -10.31
N HIS A 24 5.85 2.95 -9.46
CA HIS A 24 6.89 1.99 -9.82
C HIS A 24 6.29 0.60 -10.01
N GLN A 25 5.04 0.43 -9.58
CA GLN A 25 4.37 -0.85 -9.70
C GLN A 25 5.10 -1.94 -8.92
N GLU A 26 5.42 -1.65 -7.67
CA GLU A 26 6.13 -2.60 -6.82
C GLU A 26 5.30 -2.99 -5.60
N ALA A 27 5.19 -4.29 -5.35
CA ALA A 27 4.42 -4.78 -4.21
C ALA A 27 4.62 -3.89 -2.99
N LEU A 28 3.56 -3.16 -2.62
CA LEU A 28 3.62 -2.27 -1.47
C LEU A 28 3.73 -3.06 -0.17
N LYS A 29 4.94 -3.05 0.41
CA LYS A 29 5.19 -3.77 1.65
C LYS A 29 5.74 -2.83 2.72
N LEU A 30 5.59 -1.52 2.49
CA LEU A 30 6.08 -0.53 3.43
C LEU A 30 5.05 0.59 3.62
N PHE A 31 5.13 1.27 4.76
CA PHE A 31 4.21 2.36 5.07
C PHE A 31 4.96 3.58 5.60
N CYS A 32 4.76 4.72 4.95
CA CYS A 32 5.41 5.95 5.35
C CYS A 32 4.77 6.53 6.61
N GLU A 33 5.53 6.52 7.71
CA GLU A 33 5.02 7.05 8.97
C GLU A 33 4.99 8.57 8.96
N VAL A 34 5.34 9.16 7.82
CA VAL A 34 5.35 10.61 7.67
C VAL A 34 4.23 11.07 6.73
N ASP A 35 3.89 10.22 5.77
CA ASP A 35 2.83 10.54 4.81
C ASP A 35 1.57 9.74 5.10
N GLU A 36 1.72 8.68 5.89
CA GLU A 36 0.59 7.83 6.24
C GLU A 36 0.00 7.17 5.00
N GLU A 37 0.87 6.74 4.09
CA GLU A 37 0.44 6.09 2.86
C GLU A 37 1.33 4.90 2.53
N ALA A 38 0.71 3.81 2.07
CA ALA A 38 1.46 2.61 1.72
C ALA A 38 2.34 2.85 0.50
N ILE A 39 3.61 2.49 0.61
CA ILE A 39 4.56 2.65 -0.48
C ILE A 39 5.27 1.35 -0.80
N CYS A 40 6.12 1.38 -1.83
CA CYS A 40 6.87 0.19 -2.24
C CYS A 40 8.35 0.36 -1.94
N VAL A 41 9.12 -0.71 -2.15
CA VAL A 41 10.56 -0.69 -1.92
C VAL A 41 11.21 0.48 -2.65
N VAL A 42 10.78 0.70 -3.89
CA VAL A 42 11.33 1.78 -4.70
C VAL A 42 11.07 3.14 -4.05
N CYS A 43 9.80 3.41 -3.73
CA CYS A 43 9.42 4.67 -3.11
C CYS A 43 10.29 4.95 -1.89
N ARG A 44 10.44 3.95 -1.02
CA ARG A 44 11.24 4.09 0.19
C ARG A 44 12.67 4.47 -0.15
N GLU A 45 13.28 3.71 -1.07
CA GLU A 45 14.65 3.97 -1.48
C GLU A 45 14.78 5.36 -2.12
N SER A 46 13.69 5.83 -2.70
CA SER A 46 13.67 7.13 -3.35
C SER A 46 13.68 8.26 -2.33
N ARG A 47 14.65 9.17 -2.46
CA ARG A 47 14.76 10.29 -1.53
C ARG A 47 13.39 10.81 -1.13
N SER A 48 12.43 10.68 -2.03
CA SER A 48 11.07 11.13 -1.77
C SER A 48 10.62 10.73 -0.37
N HIS A 49 10.68 9.43 -0.09
CA HIS A 49 10.28 8.90 1.22
C HIS A 49 11.51 8.47 2.02
N LYS A 50 12.60 8.18 1.32
CA LYS A 50 13.83 7.75 1.97
C LYS A 50 13.98 8.40 3.35
N GLN A 51 14.17 9.71 3.36
CA GLN A 51 14.33 10.45 4.61
C GLN A 51 13.22 10.09 5.59
N HIS A 52 12.00 9.97 5.09
CA HIS A 52 10.86 9.63 5.93
C HIS A 52 11.06 8.27 6.59
N SER A 53 10.65 8.16 7.85
CA SER A 53 10.79 6.92 8.60
C SER A 53 9.71 5.92 8.22
N VAL A 54 9.99 5.11 7.20
CA VAL A 54 9.04 4.10 6.74
C VAL A 54 9.13 2.83 7.56
N VAL A 55 8.06 2.05 7.55
CA VAL A 55 8.03 0.79 8.29
C VAL A 55 7.42 -0.33 7.45
N PRO A 56 7.83 -1.58 7.75
CA PRO A 56 7.33 -2.76 7.02
C PRO A 56 5.87 -3.06 7.34
N LEU A 57 4.99 -2.77 6.39
CA LEU A 57 3.57 -3.01 6.57
C LEU A 57 3.32 -4.33 7.30
N GLY A 1 -33.05 -7.30 -27.80
CA GLY A 1 -31.67 -7.51 -27.38
C GLY A 1 -31.58 -8.08 -25.98
N SER A 2 -31.28 -7.23 -25.00
CA SER A 2 -31.16 -7.67 -23.61
C SER A 2 -31.51 -6.53 -22.67
N SER A 3 -31.67 -6.87 -21.39
CA SER A 3 -32.01 -5.88 -20.37
C SER A 3 -31.35 -6.22 -19.04
N GLY A 4 -30.53 -5.30 -18.54
CA GLY A 4 -29.85 -5.52 -17.28
C GLY A 4 -28.34 -5.49 -17.42
N SER A 5 -27.65 -5.22 -16.31
CA SER A 5 -26.20 -5.16 -16.32
C SER A 5 -25.59 -6.14 -15.32
N SER A 6 -24.48 -6.75 -15.69
CA SER A 6 -23.81 -7.72 -14.82
C SER A 6 -22.31 -7.43 -14.75
N GLY A 7 -21.65 -8.08 -13.80
CA GLY A 7 -20.22 -7.88 -13.64
C GLY A 7 -19.85 -7.33 -12.26
N THR A 8 -19.47 -8.22 -11.36
CA THR A 8 -19.10 -7.82 -10.00
C THR A 8 -17.84 -8.52 -9.54
N PRO A 9 -16.95 -7.78 -8.88
CA PRO A 9 -15.68 -8.32 -8.36
C PRO A 9 -15.89 -9.29 -7.21
N GLY A 10 -14.93 -10.19 -7.01
CA GLY A 10 -15.03 -11.15 -5.93
C GLY A 10 -13.68 -11.71 -5.53
N ARG A 11 -13.38 -11.66 -4.24
CA ARG A 11 -12.10 -12.16 -3.73
C ARG A 11 -12.14 -12.29 -2.21
N GLY A 12 -11.04 -12.76 -1.63
CA GLY A 12 -10.98 -12.93 -0.19
C GLY A 12 -9.57 -13.20 0.29
N SER A 13 -8.69 -12.20 0.17
CA SER A 13 -7.31 -12.33 0.59
C SER A 13 -6.89 -11.17 1.48
N ARG A 14 -6.02 -11.45 2.45
CA ARG A 14 -5.55 -10.42 3.36
C ARG A 14 -4.69 -9.38 2.64
N VAL A 15 -5.18 -8.15 2.61
CA VAL A 15 -4.45 -7.06 1.94
C VAL A 15 -5.12 -5.72 2.21
N THR A 16 -4.37 -4.80 2.81
CA THR A 16 -4.90 -3.48 3.12
C THR A 16 -3.92 -2.39 2.70
N ASP A 17 -4.27 -1.64 1.66
CA ASP A 17 -3.42 -0.57 1.16
C ASP A 17 -2.02 -1.08 0.84
N GLN A 18 -1.93 -2.37 0.54
CA GLN A 18 -0.65 -2.99 0.22
C GLN A 18 -0.74 -3.79 -1.08
N GLY A 19 -1.20 -3.13 -2.14
CA GLY A 19 -1.33 -3.79 -3.43
C GLY A 19 -0.13 -3.56 -4.31
N ILE A 20 -0.17 -2.51 -5.11
CA ILE A 20 0.93 -2.19 -6.01
C ILE A 20 1.08 -0.68 -6.19
N CYS A 21 2.31 -0.20 -6.20
CA CYS A 21 2.59 1.23 -6.37
C CYS A 21 2.32 1.66 -7.81
N PRO A 22 1.39 2.61 -7.97
CA PRO A 22 1.02 3.15 -9.29
C PRO A 22 2.14 3.98 -9.90
N LYS A 23 3.29 3.99 -9.25
CA LYS A 23 4.44 4.75 -9.75
C LYS A 23 5.52 3.82 -10.28
N HIS A 24 5.93 2.86 -9.45
CA HIS A 24 6.97 1.91 -9.84
C HIS A 24 6.36 0.52 -10.06
N GLN A 25 5.12 0.35 -9.62
CA GLN A 25 4.44 -0.93 -9.77
C GLN A 25 5.13 -2.02 -8.97
N GLU A 26 5.48 -1.70 -7.72
CA GLU A 26 6.15 -2.65 -6.85
C GLU A 26 5.28 -2.99 -5.63
N ALA A 27 5.18 -4.27 -5.32
CA ALA A 27 4.38 -4.72 -4.19
C ALA A 27 4.60 -3.83 -2.98
N LEU A 28 3.59 -3.05 -2.63
CA LEU A 28 3.68 -2.14 -1.49
C LEU A 28 3.83 -2.93 -0.19
N LYS A 29 5.06 -3.01 0.30
CA LYS A 29 5.34 -3.73 1.54
C LYS A 29 5.90 -2.79 2.60
N LEU A 30 5.54 -1.52 2.50
CA LEU A 30 6.02 -0.51 3.45
C LEU A 30 4.99 0.59 3.63
N PHE A 31 5.08 1.32 4.74
CA PHE A 31 4.16 2.40 5.03
C PHE A 31 4.90 3.60 5.62
N CYS A 32 4.91 4.70 4.86
CA CYS A 32 5.58 5.92 5.31
C CYS A 32 4.93 6.48 6.56
N GLU A 33 5.67 6.48 7.67
CA GLU A 33 5.16 6.99 8.93
C GLU A 33 5.18 8.51 8.96
N VAL A 34 5.47 9.11 7.80
CA VAL A 34 5.51 10.56 7.69
C VAL A 34 4.38 11.09 6.81
N ASP A 35 4.03 10.31 5.78
CA ASP A 35 2.96 10.67 4.86
C ASP A 35 1.70 9.86 5.13
N GLU A 36 1.85 8.77 5.88
CA GLU A 36 0.73 7.90 6.20
C GLU A 36 0.16 7.26 4.93
N GLU A 37 1.04 6.76 4.07
CA GLU A 37 0.62 6.13 2.83
C GLU A 37 1.51 4.94 2.49
N ALA A 38 0.88 3.80 2.24
CA ALA A 38 1.61 2.58 1.91
C ALA A 38 2.43 2.75 0.63
N ILE A 39 3.72 2.48 0.71
CA ILE A 39 4.60 2.61 -0.44
C ILE A 39 5.31 1.29 -0.74
N CYS A 40 6.12 1.29 -1.80
CA CYS A 40 6.85 0.09 -2.20
C CYS A 40 8.33 0.21 -1.83
N VAL A 41 9.11 -0.80 -2.19
CA VAL A 41 10.54 -0.82 -1.89
C VAL A 41 11.25 0.33 -2.60
N VAL A 42 10.82 0.62 -3.82
CA VAL A 42 11.42 1.69 -4.61
C VAL A 42 11.12 3.06 -4.00
N CYS A 43 9.85 3.29 -3.68
CA CYS A 43 9.44 4.56 -3.09
C CYS A 43 10.25 4.87 -1.84
N ARG A 44 10.43 3.86 -0.99
CA ARG A 44 11.19 4.03 0.24
C ARG A 44 12.62 4.49 -0.06
N GLU A 45 13.25 3.85 -1.03
CA GLU A 45 14.62 4.20 -1.42
C GLU A 45 14.66 5.58 -2.07
N SER A 46 13.55 5.98 -2.69
CA SER A 46 13.47 7.26 -3.35
C SER A 46 13.47 8.40 -2.33
N ARG A 47 14.23 9.45 -2.63
CA ARG A 47 14.31 10.61 -1.74
C ARG A 47 12.93 11.01 -1.24
N SER A 48 11.90 10.73 -2.05
CA SER A 48 10.53 11.07 -1.68
C SER A 48 10.18 10.52 -0.30
N HIS A 49 10.55 9.27 -0.06
CA HIS A 49 10.28 8.64 1.23
C HIS A 49 11.54 7.98 1.78
N LYS A 50 12.69 8.55 1.46
CA LYS A 50 13.97 8.04 1.92
C LYS A 50 14.30 8.57 3.31
N GLN A 51 14.04 9.86 3.52
CA GLN A 51 14.31 10.49 4.81
C GLN A 51 13.17 10.23 5.79
N HIS A 52 12.03 9.81 5.26
CA HIS A 52 10.86 9.52 6.10
C HIS A 52 10.99 8.16 6.76
N SER A 53 10.55 8.07 8.01
CA SER A 53 10.62 6.82 8.76
C SER A 53 9.61 5.80 8.23
N VAL A 54 10.03 5.00 7.26
CA VAL A 54 9.17 3.99 6.66
C VAL A 54 9.21 2.70 7.46
N VAL A 55 8.07 2.02 7.54
CA VAL A 55 7.98 0.76 8.28
C VAL A 55 7.32 -0.32 7.42
N PRO A 56 7.67 -1.58 7.70
CA PRO A 56 7.13 -2.74 6.98
C PRO A 56 5.66 -2.97 7.28
N LEU A 57 4.81 -2.71 6.29
CA LEU A 57 3.36 -2.90 6.45
C LEU A 57 3.06 -4.22 7.17
N GLY A 1 -28.82 7.44 -24.58
CA GLY A 1 -28.04 6.28 -24.23
C GLY A 1 -26.84 6.62 -23.36
N SER A 2 -27.01 6.49 -22.05
CA SER A 2 -25.94 6.79 -21.11
C SER A 2 -24.92 5.66 -21.05
N SER A 3 -23.64 6.04 -21.00
CA SER A 3 -22.56 5.05 -20.95
C SER A 3 -21.27 5.67 -20.44
N GLY A 4 -20.29 4.84 -20.14
CA GLY A 4 -19.02 5.33 -19.64
C GLY A 4 -17.84 4.65 -20.31
N SER A 5 -16.64 5.19 -20.07
CA SER A 5 -15.43 4.62 -20.65
C SER A 5 -14.39 4.33 -19.56
N SER A 6 -14.87 3.82 -18.43
CA SER A 6 -14.00 3.49 -17.31
C SER A 6 -13.13 2.28 -17.65
N GLY A 7 -11.96 2.21 -17.00
CA GLY A 7 -11.05 1.09 -17.24
C GLY A 7 -9.71 1.30 -16.58
N THR A 8 -9.34 0.39 -15.68
CA THR A 8 -8.07 0.48 -14.99
C THR A 8 -6.90 0.09 -15.90
N PRO A 9 -5.72 0.65 -15.62
CA PRO A 9 -4.51 0.38 -16.40
C PRO A 9 -4.00 -1.05 -16.21
N GLY A 10 -4.32 -1.64 -15.06
CA GLY A 10 -3.89 -3.00 -14.78
C GLY A 10 -4.88 -4.03 -15.27
N ARG A 11 -4.37 -5.20 -15.64
CA ARG A 11 -5.22 -6.27 -16.15
C ARG A 11 -5.53 -7.28 -15.03
N GLY A 12 -6.80 -7.35 -14.64
CA GLY A 12 -7.20 -8.25 -13.59
C GLY A 12 -7.42 -7.56 -12.26
N SER A 13 -8.51 -7.88 -11.59
CA SER A 13 -8.84 -7.27 -10.31
C SER A 13 -7.64 -7.32 -9.37
N ARG A 14 -7.33 -6.19 -8.74
CA ARG A 14 -6.21 -6.10 -7.81
C ARG A 14 -6.61 -5.35 -6.55
N VAL A 15 -5.68 -5.27 -5.60
CA VAL A 15 -5.93 -4.59 -4.34
C VAL A 15 -5.35 -3.19 -4.34
N THR A 16 -5.92 -2.31 -3.52
CA THR A 16 -5.45 -0.93 -3.43
C THR A 16 -4.56 -0.73 -2.21
N ASP A 17 -4.89 -1.41 -1.12
CA ASP A 17 -4.13 -1.30 0.11
C ASP A 17 -2.90 -2.21 0.07
N GLN A 18 -1.77 -1.70 0.53
CA GLN A 18 -0.53 -2.47 0.54
C GLN A 18 -0.47 -3.43 -0.64
N GLY A 19 -1.02 -2.99 -1.78
CA GLY A 19 -1.02 -3.82 -2.96
C GLY A 19 0.15 -3.53 -3.87
N ILE A 20 -0.02 -2.56 -4.77
CA ILE A 20 1.04 -2.19 -5.69
C ILE A 20 1.13 -0.67 -5.84
N CYS A 21 2.34 -0.17 -6.07
CA CYS A 21 2.56 1.25 -6.23
C CYS A 21 2.25 1.70 -7.65
N PRO A 22 1.32 2.65 -7.79
CA PRO A 22 0.91 3.18 -9.10
C PRO A 22 2.01 4.02 -9.75
N LYS A 23 3.19 4.03 -9.13
CA LYS A 23 4.32 4.79 -9.66
C LYS A 23 5.40 3.85 -10.19
N HIS A 24 5.85 2.93 -9.36
CA HIS A 24 6.88 1.97 -9.75
C HIS A 24 6.29 0.58 -9.96
N GLN A 25 5.04 0.41 -9.52
CA GLN A 25 4.37 -0.88 -9.66
C GLN A 25 5.09 -1.96 -8.88
N GLU A 26 5.45 -1.66 -7.64
CA GLU A 26 6.15 -2.62 -6.79
C GLU A 26 5.31 -3.00 -5.58
N ALA A 27 5.26 -4.29 -5.29
CA ALA A 27 4.49 -4.78 -4.14
C ALA A 27 4.68 -3.88 -2.92
N LEU A 28 3.62 -3.16 -2.56
CA LEU A 28 3.67 -2.26 -1.42
C LEU A 28 3.84 -3.03 -0.11
N LYS A 29 5.07 -3.10 0.37
CA LYS A 29 5.38 -3.81 1.60
C LYS A 29 5.94 -2.85 2.66
N LEU A 30 5.60 -1.58 2.54
CA LEU A 30 6.06 -0.57 3.47
C LEU A 30 5.02 0.52 3.66
N PHE A 31 5.16 1.29 4.74
CA PHE A 31 4.22 2.37 5.04
C PHE A 31 4.96 3.58 5.61
N CYS A 32 4.86 4.71 4.91
CA CYS A 32 5.51 5.94 5.34
C CYS A 32 4.86 6.49 6.61
N GLU A 33 5.61 6.51 7.69
CA GLU A 33 5.11 7.01 8.96
C GLU A 33 5.12 8.54 8.99
N VAL A 34 5.46 9.14 7.86
CA VAL A 34 5.51 10.60 7.75
C VAL A 34 4.39 11.12 6.86
N ASP A 35 4.01 10.32 5.87
CA ASP A 35 2.95 10.71 4.94
C ASP A 35 1.68 9.89 5.20
N GLU A 36 1.83 8.79 5.92
CA GLU A 36 0.70 7.93 6.24
C GLU A 36 0.13 7.31 4.97
N GLU A 37 0.99 6.81 4.10
CA GLU A 37 0.57 6.20 2.85
C GLU A 37 1.43 4.99 2.51
N ALA A 38 0.78 3.91 2.08
CA ALA A 38 1.49 2.69 1.72
C ALA A 38 2.41 2.91 0.52
N ILE A 39 3.66 2.50 0.65
CA ILE A 39 4.64 2.67 -0.43
C ILE A 39 5.34 1.34 -0.73
N CYS A 40 6.15 1.34 -1.79
CA CYS A 40 6.88 0.14 -2.18
C CYS A 40 8.36 0.27 -1.84
N VAL A 41 9.12 -0.78 -2.12
CA VAL A 41 10.56 -0.78 -1.84
C VAL A 41 11.25 0.36 -2.57
N VAL A 42 10.81 0.64 -3.79
CA VAL A 42 11.39 1.70 -4.59
C VAL A 42 11.11 3.07 -3.98
N CYS A 43 9.85 3.30 -3.64
CA CYS A 43 9.44 4.58 -3.04
C CYS A 43 10.31 4.90 -1.83
N ARG A 44 10.48 3.91 -0.95
CA ARG A 44 11.28 4.09 0.25
C ARG A 44 12.70 4.52 -0.09
N GLU A 45 13.29 3.86 -1.08
CA GLU A 45 14.65 4.17 -1.51
C GLU A 45 14.71 5.55 -2.17
N SER A 46 13.62 5.94 -2.82
CA SER A 46 13.55 7.24 -3.50
C SER A 46 13.45 8.37 -2.48
N ARG A 47 14.28 9.39 -2.65
CA ARG A 47 14.29 10.53 -1.75
C ARG A 47 12.87 10.88 -1.30
N SER A 48 11.89 10.59 -2.15
CA SER A 48 10.50 10.87 -1.85
C SER A 48 10.16 10.41 -0.44
N HIS A 49 10.53 9.17 -0.11
CA HIS A 49 10.26 8.61 1.21
C HIS A 49 11.51 8.00 1.81
N LYS A 50 12.67 8.53 1.41
CA LYS A 50 13.95 8.02 1.91
C LYS A 50 14.25 8.60 3.29
N GLN A 51 14.09 9.91 3.43
CA GLN A 51 14.36 10.58 4.70
C GLN A 51 13.25 10.28 5.70
N HIS A 52 12.10 9.86 5.20
CA HIS A 52 10.96 9.54 6.06
C HIS A 52 11.11 8.16 6.69
N SER A 53 10.74 8.05 7.96
CA SER A 53 10.85 6.79 8.67
C SER A 53 9.75 5.82 8.24
N VAL A 54 10.07 4.97 7.26
CA VAL A 54 9.11 3.99 6.76
C VAL A 54 9.15 2.71 7.58
N VAL A 55 8.04 1.97 7.56
CA VAL A 55 7.94 0.72 8.31
C VAL A 55 7.35 -0.39 7.44
N PRO A 56 7.72 -1.64 7.75
CA PRO A 56 7.23 -2.80 7.00
C PRO A 56 5.75 -3.08 7.26
N LEU A 57 4.92 -2.77 6.27
CA LEU A 57 3.48 -2.98 6.39
C LEU A 57 3.18 -4.30 7.09
N GLY A 1 -18.29 -23.37 4.89
CA GLY A 1 -18.13 -22.70 6.15
C GLY A 1 -17.08 -21.62 6.12
N SER A 2 -17.11 -20.80 5.08
CA SER A 2 -16.13 -19.72 4.92
C SER A 2 -16.83 -18.40 4.62
N SER A 3 -16.29 -17.31 5.14
CA SER A 3 -16.87 -15.98 4.93
C SER A 3 -17.30 -15.80 3.48
N GLY A 4 -18.52 -15.31 3.29
CA GLY A 4 -19.03 -15.10 1.94
C GLY A 4 -19.95 -13.90 1.86
N SER A 5 -21.12 -14.01 2.48
CA SER A 5 -22.11 -12.93 2.47
C SER A 5 -21.87 -11.97 3.62
N SER A 6 -20.65 -11.45 3.72
CA SER A 6 -20.30 -10.53 4.78
C SER A 6 -20.13 -9.11 4.23
N GLY A 7 -19.37 -8.99 3.15
CA GLY A 7 -19.14 -7.69 2.54
C GLY A 7 -17.71 -7.22 2.72
N THR A 8 -17.29 -7.05 3.96
CA THR A 8 -15.93 -6.60 4.26
C THR A 8 -15.02 -7.78 4.57
N PRO A 9 -13.73 -7.64 4.23
CA PRO A 9 -12.73 -8.67 4.47
C PRO A 9 -12.41 -8.86 5.95
N GLY A 10 -13.01 -8.00 6.79
CA GLY A 10 -12.79 -8.09 8.21
C GLY A 10 -12.90 -6.75 8.90
N ARG A 11 -13.06 -6.78 10.23
CA ARG A 11 -13.19 -5.56 11.00
C ARG A 11 -12.09 -5.45 12.05
N GLY A 12 -11.89 -4.25 12.59
CA GLY A 12 -10.87 -4.05 13.59
C GLY A 12 -9.91 -2.92 13.24
N SER A 13 -8.65 -3.26 13.05
CA SER A 13 -7.63 -2.28 12.70
C SER A 13 -7.59 -2.04 11.18
N ARG A 14 -8.08 -0.89 10.76
CA ARG A 14 -8.10 -0.53 9.34
C ARG A 14 -6.79 0.12 8.93
N VAL A 15 -6.41 -0.06 7.66
CA VAL A 15 -5.19 0.52 7.13
C VAL A 15 -5.15 0.45 5.62
N THR A 16 -4.56 1.46 5.00
CA THR A 16 -4.46 1.52 3.55
C THR A 16 -4.20 0.14 2.96
N ASP A 17 -4.60 -0.06 1.71
CA ASP A 17 -4.42 -1.34 1.03
C ASP A 17 -2.99 -1.47 0.50
N GLN A 18 -2.41 -2.65 0.69
CA GLN A 18 -1.04 -2.91 0.23
C GLN A 18 -1.04 -3.71 -1.07
N GLY A 19 -1.49 -3.08 -2.14
CA GLY A 19 -1.54 -3.74 -3.44
C GLY A 19 -0.28 -3.54 -4.24
N ILE A 20 -0.29 -2.53 -5.11
CA ILE A 20 0.87 -2.22 -5.94
C ILE A 20 1.00 -0.72 -6.16
N CYS A 21 2.24 -0.24 -6.19
CA CYS A 21 2.51 1.18 -6.39
C CYS A 21 2.25 1.58 -7.83
N PRO A 22 1.30 2.51 -8.02
CA PRO A 22 0.93 3.01 -9.35
C PRO A 22 2.04 3.86 -9.98
N LYS A 23 3.19 3.91 -9.32
CA LYS A 23 4.32 4.68 -9.82
C LYS A 23 5.42 3.76 -10.33
N HIS A 24 5.84 2.83 -9.50
CA HIS A 24 6.89 1.88 -9.87
C HIS A 24 6.32 0.48 -10.07
N GLN A 25 5.08 0.28 -9.62
CA GLN A 25 4.41 -1.01 -9.76
C GLN A 25 5.16 -2.09 -8.97
N GLU A 26 5.48 -1.78 -7.71
CA GLU A 26 6.19 -2.72 -6.84
C GLU A 26 5.35 -3.06 -5.61
N ALA A 27 5.28 -4.35 -5.30
CA ALA A 27 4.52 -4.81 -4.14
C ALA A 27 4.71 -3.89 -2.95
N LEU A 28 3.63 -3.25 -2.50
CA LEU A 28 3.70 -2.34 -1.36
C LEU A 28 3.91 -3.11 -0.06
N LYS A 29 5.15 -3.13 0.41
CA LYS A 29 5.49 -3.83 1.64
C LYS A 29 6.03 -2.85 2.68
N LEU A 30 5.75 -1.56 2.49
CA LEU A 30 6.20 -0.53 3.41
C LEU A 30 5.15 0.55 3.58
N PHE A 31 5.22 1.28 4.70
CA PHE A 31 4.27 2.34 4.98
C PHE A 31 4.97 3.56 5.55
N CYS A 32 4.84 4.69 4.87
CA CYS A 32 5.46 5.93 5.32
C CYS A 32 4.80 6.46 6.59
N GLU A 33 5.58 6.51 7.67
CA GLU A 33 5.06 6.99 8.95
C GLU A 33 5.01 8.51 8.97
N VAL A 34 5.35 9.13 7.84
CA VAL A 34 5.33 10.59 7.74
C VAL A 34 4.24 11.06 6.80
N ASP A 35 3.95 10.25 5.79
CA ASP A 35 2.91 10.59 4.83
C ASP A 35 1.64 9.77 5.07
N GLU A 36 1.79 8.69 5.83
CA GLU A 36 0.66 7.82 6.15
C GLU A 36 0.08 7.20 4.88
N GLU A 37 0.97 6.73 4.01
CA GLU A 37 0.55 6.11 2.75
C GLU A 37 1.42 4.90 2.43
N ALA A 38 0.78 3.81 2.00
CA ALA A 38 1.49 2.60 1.65
C ALA A 38 2.39 2.81 0.44
N ILE A 39 3.67 2.48 0.59
CA ILE A 39 4.64 2.63 -0.48
C ILE A 39 5.35 1.32 -0.78
N CYS A 40 6.11 1.30 -1.88
CA CYS A 40 6.85 0.10 -2.26
C CYS A 40 8.33 0.26 -1.94
N VAL A 41 9.10 -0.81 -2.19
CA VAL A 41 10.53 -0.78 -1.92
C VAL A 41 11.22 0.35 -2.67
N VAL A 42 10.77 0.60 -3.89
CA VAL A 42 11.33 1.67 -4.71
C VAL A 42 11.03 3.04 -4.11
N CYS A 43 9.78 3.26 -3.74
CA CYS A 43 9.36 4.52 -3.15
C CYS A 43 10.20 4.86 -1.92
N ARG A 44 10.34 3.89 -1.02
CA ARG A 44 11.11 4.09 0.20
C ARG A 44 12.53 4.55 -0.12
N GLU A 45 13.18 3.84 -1.05
CA GLU A 45 14.54 4.18 -1.45
C GLU A 45 14.60 5.59 -2.01
N SER A 46 13.54 6.01 -2.68
CA SER A 46 13.48 7.34 -3.28
C SER A 46 13.76 8.41 -2.22
N ARG A 47 14.46 9.46 -2.63
CA ARG A 47 14.80 10.55 -1.74
C ARG A 47 13.54 11.28 -1.26
N SER A 48 12.39 10.86 -1.78
CA SER A 48 11.12 11.46 -1.41
C SER A 48 10.63 10.93 -0.07
N HIS A 49 10.81 9.62 0.13
CA HIS A 49 10.38 8.98 1.38
C HIS A 49 11.59 8.56 2.21
N LYS A 50 12.70 8.27 1.54
CA LYS A 50 13.92 7.86 2.22
C LYS A 50 14.03 8.52 3.58
N GLN A 51 14.21 9.84 3.58
CA GLN A 51 14.34 10.59 4.82
C GLN A 51 13.23 10.23 5.80
N HIS A 52 12.02 10.05 5.27
CA HIS A 52 10.87 9.69 6.10
C HIS A 52 11.07 8.32 6.75
N SER A 53 10.62 8.18 7.98
CA SER A 53 10.75 6.93 8.71
C SER A 53 9.69 5.92 8.26
N VAL A 54 10.06 5.10 7.28
CA VAL A 54 9.14 4.09 6.76
C VAL A 54 9.25 2.78 7.55
N VAL A 55 8.17 2.01 7.53
CA VAL A 55 8.14 0.74 8.26
C VAL A 55 7.54 -0.37 7.38
N PRO A 56 7.96 -1.61 7.66
CA PRO A 56 7.48 -2.78 6.91
C PRO A 56 6.02 -3.10 7.21
N LEU A 57 5.15 -2.82 6.25
CA LEU A 57 3.72 -3.08 6.41
C LEU A 57 3.48 -4.44 7.06
N GLY A 1 2.73 -37.96 4.68
CA GLY A 1 1.94 -37.46 3.57
C GLY A 1 0.46 -37.74 3.74
N SER A 2 -0.10 -38.53 2.84
CA SER A 2 -1.53 -38.87 2.90
C SER A 2 -2.38 -37.63 2.64
N SER A 3 -1.98 -36.84 1.65
CA SER A 3 -2.70 -35.62 1.30
C SER A 3 -2.48 -35.25 -0.16
N GLY A 4 -3.56 -34.93 -0.86
CA GLY A 4 -3.47 -34.56 -2.26
C GLY A 4 -4.53 -33.57 -2.67
N SER A 5 -4.13 -32.32 -2.86
CA SER A 5 -5.06 -31.27 -3.27
C SER A 5 -4.39 -30.30 -4.23
N SER A 6 -5.15 -29.87 -5.24
CA SER A 6 -4.63 -28.93 -6.24
C SER A 6 -5.58 -27.76 -6.43
N GLY A 7 -5.30 -26.67 -5.73
CA GLY A 7 -6.14 -25.48 -5.83
C GLY A 7 -6.64 -25.01 -4.48
N THR A 8 -6.84 -23.70 -4.35
CA THR A 8 -7.32 -23.13 -3.10
C THR A 8 -8.49 -22.18 -3.34
N PRO A 9 -9.48 -22.21 -2.44
CA PRO A 9 -10.67 -21.36 -2.54
C PRO A 9 -10.35 -19.88 -2.28
N GLY A 10 -11.39 -19.07 -2.21
CA GLY A 10 -11.20 -17.64 -1.97
C GLY A 10 -11.52 -16.80 -3.20
N ARG A 11 -11.97 -15.57 -2.97
CA ARG A 11 -12.32 -14.67 -4.05
C ARG A 11 -11.80 -13.26 -3.77
N GLY A 12 -11.34 -12.59 -4.82
CA GLY A 12 -10.83 -11.23 -4.66
C GLY A 12 -10.76 -10.49 -5.98
N SER A 13 -11.55 -9.43 -6.11
CA SER A 13 -11.58 -8.64 -7.32
C SER A 13 -10.27 -7.89 -7.51
N ARG A 14 -9.95 -6.99 -6.57
CA ARG A 14 -8.72 -6.22 -6.64
C ARG A 14 -8.29 -5.77 -5.25
N VAL A 15 -7.17 -5.05 -5.18
CA VAL A 15 -6.65 -4.57 -3.91
C VAL A 15 -5.98 -3.20 -4.08
N THR A 16 -6.21 -2.32 -3.10
CA THR A 16 -5.63 -0.99 -3.15
C THR A 16 -4.67 -0.77 -1.98
N ASP A 17 -5.01 -1.32 -0.82
CA ASP A 17 -4.18 -1.19 0.36
C ASP A 17 -2.98 -2.13 0.29
N GLN A 18 -1.80 -1.60 0.53
CA GLN A 18 -0.57 -2.39 0.50
C GLN A 18 -0.59 -3.36 -0.69
N GLY A 19 -1.14 -2.90 -1.81
CA GLY A 19 -1.21 -3.73 -2.99
C GLY A 19 -0.03 -3.51 -3.93
N ILE A 20 -0.15 -2.51 -4.79
CA ILE A 20 0.90 -2.19 -5.75
C ILE A 20 1.03 -0.68 -5.94
N CYS A 21 2.26 -0.20 -5.99
CA CYS A 21 2.53 1.23 -6.17
C CYS A 21 2.18 1.66 -7.59
N PRO A 22 1.26 2.63 -7.70
CA PRO A 22 0.81 3.16 -9.00
C PRO A 22 1.90 3.98 -9.69
N LYS A 23 3.09 3.97 -9.11
CA LYS A 23 4.21 4.72 -9.67
C LYS A 23 5.26 3.77 -10.24
N HIS A 24 5.75 2.87 -9.40
CA HIS A 24 6.75 1.90 -9.82
C HIS A 24 6.13 0.52 -10.03
N GLN A 25 4.91 0.35 -9.56
CA GLN A 25 4.20 -0.92 -9.70
C GLN A 25 4.93 -2.03 -8.96
N GLU A 26 5.31 -1.77 -7.71
CA GLU A 26 6.03 -2.74 -6.91
C GLU A 26 5.22 -3.09 -5.66
N ALA A 27 5.16 -4.39 -5.35
CA ALA A 27 4.43 -4.86 -4.18
C ALA A 27 4.67 -3.96 -2.97
N LEU A 28 3.64 -3.21 -2.59
CA LEU A 28 3.74 -2.30 -1.45
C LEU A 28 3.91 -3.07 -0.15
N LYS A 29 5.15 -3.17 0.32
CA LYS A 29 5.44 -3.88 1.55
C LYS A 29 6.00 -2.92 2.61
N LEU A 30 5.61 -1.66 2.52
CA LEU A 30 6.07 -0.64 3.46
C LEU A 30 5.00 0.43 3.66
N PHE A 31 5.18 1.24 4.70
CA PHE A 31 4.23 2.31 5.00
C PHE A 31 4.96 3.53 5.57
N CYS A 32 4.82 4.67 4.88
CA CYS A 32 5.46 5.90 5.31
C CYS A 32 4.81 6.44 6.57
N GLU A 33 5.57 6.48 7.66
CA GLU A 33 5.06 6.98 8.93
C GLU A 33 5.04 8.50 8.96
N VAL A 34 5.36 9.11 7.83
CA VAL A 34 5.38 10.57 7.71
C VAL A 34 4.26 11.05 6.80
N ASP A 35 3.91 10.24 5.81
CA ASP A 35 2.86 10.60 4.88
C ASP A 35 1.60 9.76 5.12
N GLU A 36 1.77 8.69 5.90
CA GLU A 36 0.65 7.79 6.21
C GLU A 36 0.10 7.14 4.93
N GLU A 37 1.00 6.80 4.01
CA GLU A 37 0.60 6.18 2.75
C GLU A 37 1.49 4.99 2.44
N ALA A 38 0.86 3.89 2.01
CA ALA A 38 1.61 2.67 1.67
C ALA A 38 2.51 2.90 0.47
N ILE A 39 3.78 2.51 0.61
CA ILE A 39 4.75 2.67 -0.46
C ILE A 39 5.47 1.37 -0.76
N CYS A 40 6.20 1.33 -1.87
CA CYS A 40 6.94 0.14 -2.25
C CYS A 40 8.43 0.32 -1.98
N VAL A 41 9.19 -0.78 -2.07
CA VAL A 41 10.62 -0.74 -1.83
C VAL A 41 11.26 0.44 -2.55
N VAL A 42 10.96 0.58 -3.83
CA VAL A 42 11.50 1.67 -4.63
C VAL A 42 11.20 3.02 -4.00
N CYS A 43 9.94 3.26 -3.69
CA CYS A 43 9.52 4.52 -3.08
C CYS A 43 10.36 4.83 -1.85
N ARG A 44 10.42 3.88 -0.93
CA ARG A 44 11.19 4.05 0.30
C ARG A 44 12.63 4.46 -0.02
N GLU A 45 13.21 3.81 -1.03
CA GLU A 45 14.58 4.11 -1.42
C GLU A 45 14.68 5.50 -2.04
N SER A 46 13.60 5.94 -2.68
CA SER A 46 13.57 7.26 -3.31
C SER A 46 13.60 8.36 -2.27
N ARG A 47 14.53 9.30 -2.43
CA ARG A 47 14.67 10.41 -1.50
C ARG A 47 13.32 10.94 -1.07
N SER A 48 12.31 10.73 -1.92
CA SER A 48 10.95 11.17 -1.62
C SER A 48 10.52 10.74 -0.23
N HIS A 49 10.61 9.44 0.03
CA HIS A 49 10.23 8.89 1.32
C HIS A 49 11.47 8.47 2.13
N LYS A 50 12.58 8.25 1.42
CA LYS A 50 13.82 7.85 2.06
C LYS A 50 13.96 8.51 3.43
N GLN A 51 14.14 9.84 3.43
CA GLN A 51 14.28 10.58 4.67
C GLN A 51 13.18 10.22 5.66
N HIS A 52 11.96 10.05 5.16
CA HIS A 52 10.83 9.70 6.00
C HIS A 52 11.03 8.32 6.63
N SER A 53 10.63 8.19 7.89
CA SER A 53 10.77 6.93 8.60
C SER A 53 9.72 5.92 8.14
N VAL A 54 10.08 5.12 7.14
CA VAL A 54 9.18 4.11 6.59
C VAL A 54 9.26 2.81 7.39
N VAL A 55 8.13 2.14 7.51
CA VAL A 55 8.06 0.87 8.25
C VAL A 55 7.46 -0.23 7.40
N PRO A 56 7.87 -1.48 7.68
CA PRO A 56 7.38 -2.65 6.94
C PRO A 56 5.92 -2.96 7.26
N LEU A 57 5.07 -2.83 6.24
CA LEU A 57 3.64 -3.10 6.41
C LEU A 57 3.42 -4.44 7.09
N GLY A 1 -40.62 4.03 3.40
CA GLY A 1 -39.33 3.36 3.21
C GLY A 1 -38.17 4.32 3.30
N SER A 2 -36.95 3.79 3.15
CA SER A 2 -35.75 4.61 3.22
C SER A 2 -34.83 4.33 2.03
N SER A 3 -34.91 5.17 1.01
CA SER A 3 -34.09 5.00 -0.18
C SER A 3 -32.67 4.59 0.19
N GLY A 4 -32.05 3.79 -0.67
CA GLY A 4 -30.69 3.33 -0.42
C GLY A 4 -30.65 1.88 0.04
N SER A 5 -29.49 1.45 0.52
CA SER A 5 -29.31 0.08 0.98
C SER A 5 -27.98 -0.09 1.71
N SER A 6 -27.97 -0.93 2.73
CA SER A 6 -26.75 -1.18 3.51
C SER A 6 -25.61 -1.61 2.59
N GLY A 7 -25.83 -2.68 1.84
CA GLY A 7 -24.81 -3.19 0.94
C GLY A 7 -24.78 -4.71 0.90
N THR A 8 -24.18 -5.25 -0.16
CA THR A 8 -24.08 -6.69 -0.32
C THR A 8 -22.66 -7.11 -0.69
N PRO A 9 -22.15 -8.16 -0.01
CA PRO A 9 -20.80 -8.67 -0.25
C PRO A 9 -20.68 -9.36 -1.61
N GLY A 10 -19.49 -9.30 -2.19
CA GLY A 10 -19.26 -9.93 -3.49
C GLY A 10 -18.46 -11.21 -3.38
N ARG A 11 -17.90 -11.66 -4.49
CA ARG A 11 -17.11 -12.88 -4.52
C ARG A 11 -15.67 -12.59 -4.93
N GLY A 12 -14.89 -12.06 -3.99
CA GLY A 12 -13.50 -11.74 -4.28
C GLY A 12 -12.97 -10.62 -3.40
N SER A 13 -12.18 -10.98 -2.40
CA SER A 13 -11.61 -10.00 -1.48
C SER A 13 -11.15 -8.76 -2.24
N ARG A 14 -11.89 -7.67 -2.10
CA ARG A 14 -11.56 -6.42 -2.77
C ARG A 14 -10.61 -5.59 -1.92
N VAL A 15 -9.32 -5.85 -2.05
CA VAL A 15 -8.31 -5.12 -1.29
C VAL A 15 -7.44 -4.26 -2.20
N THR A 16 -6.98 -3.13 -1.68
CA THR A 16 -6.14 -2.22 -2.45
C THR A 16 -4.91 -1.80 -1.66
N ASP A 17 -5.08 -1.66 -0.35
CA ASP A 17 -3.99 -1.26 0.52
C ASP A 17 -2.77 -2.16 0.33
N GLN A 18 -1.59 -1.64 0.64
CA GLN A 18 -0.36 -2.40 0.49
C GLN A 18 -0.42 -3.30 -0.73
N GLY A 19 -1.05 -2.82 -1.79
CA GLY A 19 -1.17 -3.59 -3.01
C GLY A 19 0.01 -3.38 -3.95
N ILE A 20 -0.10 -2.37 -4.80
CA ILE A 20 0.96 -2.08 -5.76
C ILE A 20 1.08 -0.58 -6.00
N CYS A 21 2.31 -0.09 -6.06
CA CYS A 21 2.56 1.33 -6.28
C CYS A 21 2.24 1.73 -7.72
N PRO A 22 1.33 2.69 -7.88
CA PRO A 22 0.92 3.18 -9.20
C PRO A 22 2.02 3.97 -9.89
N LYS A 23 3.20 3.99 -9.29
CA LYS A 23 4.34 4.71 -9.85
C LYS A 23 5.39 3.74 -10.38
N HIS A 24 5.82 2.82 -9.52
CA HIS A 24 6.83 1.83 -9.91
C HIS A 24 6.20 0.45 -10.06
N GLN A 25 4.97 0.31 -9.57
CA GLN A 25 4.25 -0.96 -9.67
C GLN A 25 4.97 -2.05 -8.87
N GLU A 26 5.48 -1.67 -7.70
CA GLU A 26 6.18 -2.61 -6.83
C GLU A 26 5.33 -2.98 -5.62
N ALA A 27 5.26 -4.28 -5.34
CA ALA A 27 4.48 -4.77 -4.21
C ALA A 27 4.66 -3.87 -2.99
N LEU A 28 3.61 -3.14 -2.63
CA LEU A 28 3.66 -2.24 -1.48
C LEU A 28 3.79 -3.03 -0.18
N LYS A 29 4.97 -3.01 0.41
CA LYS A 29 5.23 -3.71 1.66
C LYS A 29 5.80 -2.76 2.72
N LEU A 30 5.64 -1.47 2.49
CA LEU A 30 6.14 -0.47 3.42
C LEU A 30 5.11 0.65 3.62
N PHE A 31 5.16 1.29 4.78
CA PHE A 31 4.23 2.37 5.10
C PHE A 31 4.98 3.58 5.65
N CYS A 32 4.82 4.72 4.98
CA CYS A 32 5.48 5.94 5.41
C CYS A 32 4.81 6.53 6.65
N GLU A 33 5.53 6.49 7.77
CA GLU A 33 5.01 7.01 9.03
C GLU A 33 5.02 8.54 9.03
N VAL A 34 5.39 9.12 7.89
CA VAL A 34 5.43 10.58 7.76
C VAL A 34 4.34 11.07 6.84
N ASP A 35 3.96 10.26 5.87
CA ASP A 35 2.92 10.62 4.91
C ASP A 35 1.66 9.80 5.16
N GLU A 36 1.79 8.71 5.90
CA GLU A 36 0.66 7.84 6.21
C GLU A 36 0.10 7.21 4.93
N GLU A 37 1.00 6.76 4.06
CA GLU A 37 0.59 6.14 2.80
C GLU A 37 1.47 4.94 2.48
N ALA A 38 0.85 3.87 2.00
CA ALA A 38 1.57 2.65 1.65
C ALA A 38 2.45 2.88 0.43
N ILE A 39 3.72 2.50 0.54
CA ILE A 39 4.67 2.66 -0.55
C ILE A 39 5.38 1.34 -0.86
N CYS A 40 6.21 1.35 -1.90
CA CYS A 40 6.95 0.15 -2.30
C CYS A 40 8.44 0.32 -2.04
N VAL A 41 9.17 -0.78 -2.07
CA VAL A 41 10.61 -0.76 -1.84
C VAL A 41 11.26 0.42 -2.56
N VAL A 42 10.97 0.55 -3.85
CA VAL A 42 11.52 1.64 -4.66
C VAL A 42 11.23 2.99 -4.03
N CYS A 43 9.95 3.24 -3.74
CA CYS A 43 9.53 4.49 -3.14
C CYS A 43 10.36 4.80 -1.90
N ARG A 44 10.44 3.84 -0.98
CA ARG A 44 11.20 4.01 0.25
C ARG A 44 12.62 4.45 -0.05
N GLU A 45 13.24 3.84 -1.05
CA GLU A 45 14.61 4.18 -1.44
C GLU A 45 14.66 5.55 -2.10
N SER A 46 13.57 5.93 -2.76
CA SER A 46 13.50 7.22 -3.44
C SER A 46 13.43 8.36 -2.42
N ARG A 47 14.28 9.36 -2.62
CA ARG A 47 14.31 10.52 -1.72
C ARG A 47 12.91 10.89 -1.26
N SER A 48 11.93 10.62 -2.12
CA SER A 48 10.54 10.94 -1.79
C SER A 48 10.17 10.46 -0.39
N HIS A 49 10.56 9.22 -0.08
CA HIS A 49 10.28 8.64 1.22
C HIS A 49 11.53 8.00 1.81
N LYS A 50 12.69 8.53 1.45
CA LYS A 50 13.96 8.00 1.93
C LYS A 50 14.27 8.53 3.33
N GLN A 51 14.10 9.84 3.51
CA GLN A 51 14.36 10.47 4.80
C GLN A 51 13.22 10.18 5.78
N HIS A 52 12.05 9.84 5.25
CA HIS A 52 10.89 9.54 6.08
C HIS A 52 11.05 8.19 6.76
N SER A 53 10.64 8.11 8.02
CA SER A 53 10.73 6.87 8.78
C SER A 53 9.67 5.86 8.33
N VAL A 54 10.03 5.05 7.33
CA VAL A 54 9.11 4.05 6.80
C VAL A 54 9.19 2.75 7.62
N VAL A 55 8.10 1.99 7.60
CA VAL A 55 8.04 0.73 8.33
C VAL A 55 7.43 -0.38 7.47
N PRO A 56 7.83 -1.62 7.75
CA PRO A 56 7.34 -2.79 7.01
C PRO A 56 5.86 -3.09 7.30
N LEU A 57 5.00 -2.74 6.36
CA LEU A 57 3.57 -2.96 6.52
C LEU A 57 3.30 -4.27 7.24
N GLY A 1 -40.11 21.96 -2.00
CA GLY A 1 -39.48 20.77 -2.57
C GLY A 1 -38.28 20.31 -1.76
N SER A 2 -38.09 19.00 -1.67
CA SER A 2 -36.98 18.42 -0.92
C SER A 2 -36.37 17.24 -1.67
N SER A 3 -35.08 17.03 -1.48
CA SER A 3 -34.38 15.92 -2.13
C SER A 3 -33.72 15.01 -1.09
N GLY A 4 -33.78 13.70 -1.35
CA GLY A 4 -33.18 12.76 -0.43
C GLY A 4 -31.95 12.07 -1.02
N SER A 5 -31.26 11.30 -0.20
CA SER A 5 -30.05 10.61 -0.64
C SER A 5 -30.40 9.20 -1.15
N SER A 6 -31.01 8.40 -0.29
CA SER A 6 -31.40 7.04 -0.65
C SER A 6 -30.31 6.38 -1.51
N GLY A 7 -29.06 6.62 -1.15
CA GLY A 7 -27.96 6.05 -1.90
C GLY A 7 -27.19 5.01 -1.10
N THR A 8 -26.40 4.20 -1.79
CA THR A 8 -25.62 3.14 -1.15
C THR A 8 -24.38 3.73 -0.47
N PRO A 9 -24.28 3.54 0.85
CA PRO A 9 -23.14 4.03 1.64
C PRO A 9 -21.86 3.28 1.33
N GLY A 10 -20.78 3.68 1.99
CA GLY A 10 -19.49 3.04 1.78
C GLY A 10 -19.24 1.90 2.75
N ARG A 11 -18.24 1.08 2.45
CA ARG A 11 -17.90 -0.05 3.31
C ARG A 11 -16.92 0.38 4.40
N GLY A 12 -15.80 0.97 4.00
CA GLY A 12 -14.80 1.42 4.94
C GLY A 12 -13.84 0.31 5.34
N SER A 13 -12.54 0.60 5.27
CA SER A 13 -11.52 -0.38 5.61
C SER A 13 -10.86 -0.03 6.95
N ARG A 14 -10.08 -0.97 7.47
CA ARG A 14 -9.39 -0.76 8.74
C ARG A 14 -7.89 -0.90 8.58
N VAL A 15 -7.38 -0.51 7.41
CA VAL A 15 -5.95 -0.60 7.12
C VAL A 15 -5.62 0.04 5.78
N THR A 16 -4.37 0.46 5.62
CA THR A 16 -3.93 1.08 4.37
C THR A 16 -3.81 0.05 3.25
N ASP A 17 -4.02 0.50 2.01
CA ASP A 17 -3.94 -0.38 0.85
C ASP A 17 -2.49 -0.80 0.59
N GLN A 18 -2.24 -2.09 0.68
CA GLN A 18 -0.90 -2.62 0.44
C GLN A 18 -0.86 -3.49 -0.81
N GLY A 19 -1.41 -2.98 -1.89
CA GLY A 19 -1.44 -3.73 -3.14
C GLY A 19 -0.19 -3.50 -3.97
N ILE A 20 -0.23 -2.49 -4.84
CA ILE A 20 0.90 -2.18 -5.70
C ILE A 20 1.03 -0.67 -5.90
N CYS A 21 2.26 -0.21 -6.09
CA CYS A 21 2.53 1.21 -6.31
C CYS A 21 2.23 1.60 -7.75
N PRO A 22 1.28 2.53 -7.93
CA PRO A 22 0.89 3.02 -9.25
C PRO A 22 1.98 3.86 -9.90
N LYS A 23 3.14 3.92 -9.27
CA LYS A 23 4.26 4.70 -9.78
C LYS A 23 5.36 3.77 -10.32
N HIS A 24 5.78 2.84 -9.47
CA HIS A 24 6.83 1.89 -9.86
C HIS A 24 6.25 0.49 -10.06
N GLN A 25 5.03 0.28 -9.56
CA GLN A 25 4.37 -1.02 -9.68
C GLN A 25 5.12 -2.09 -8.91
N GLU A 26 5.44 -1.80 -7.66
CA GLU A 26 6.17 -2.75 -6.81
C GLU A 26 5.36 -3.11 -5.58
N ALA A 27 5.28 -4.40 -5.28
CA ALA A 27 4.53 -4.88 -4.12
C ALA A 27 4.74 -3.96 -2.92
N LEU A 28 3.73 -3.14 -2.62
CA LEU A 28 3.81 -2.21 -1.50
C LEU A 28 3.97 -2.97 -0.18
N LYS A 29 5.20 -3.06 0.29
CA LYS A 29 5.50 -3.75 1.54
C LYS A 29 6.06 -2.78 2.58
N LEU A 30 5.67 -1.51 2.47
CA LEU A 30 6.14 -0.49 3.40
C LEU A 30 5.09 0.59 3.58
N PHE A 31 5.12 1.26 4.74
CA PHE A 31 4.17 2.32 5.03
C PHE A 31 4.89 3.55 5.59
N CYS A 32 4.80 4.66 4.87
CA CYS A 32 5.43 5.90 5.29
C CYS A 32 4.77 6.45 6.54
N GLU A 33 5.53 6.52 7.63
CA GLU A 33 5.02 7.03 8.90
C GLU A 33 4.95 8.56 8.89
N VAL A 34 5.31 9.15 7.75
CA VAL A 34 5.30 10.60 7.61
C VAL A 34 4.18 11.05 6.67
N ASP A 35 3.85 10.19 5.71
CA ASP A 35 2.79 10.50 4.74
C ASP A 35 1.54 9.66 5.02
N GLU A 36 1.71 8.59 5.80
CA GLU A 36 0.60 7.71 6.13
C GLU A 36 0.04 7.05 4.88
N GLU A 37 0.94 6.52 4.05
CA GLU A 37 0.53 5.86 2.81
C GLU A 37 1.46 4.69 2.50
N ALA A 38 0.88 3.55 2.12
CA ALA A 38 1.64 2.36 1.79
C ALA A 38 2.46 2.57 0.53
N ILE A 39 3.77 2.39 0.63
CA ILE A 39 4.66 2.57 -0.51
C ILE A 39 5.42 1.28 -0.80
N CYS A 40 6.17 1.28 -1.91
CA CYS A 40 6.95 0.12 -2.30
C CYS A 40 8.44 0.35 -2.05
N VAL A 41 9.22 -0.73 -2.04
CA VAL A 41 10.65 -0.65 -1.81
C VAL A 41 11.26 0.52 -2.56
N VAL A 42 10.96 0.60 -3.86
CA VAL A 42 11.48 1.68 -4.71
C VAL A 42 11.17 3.05 -4.10
N CYS A 43 9.90 3.25 -3.75
CA CYS A 43 9.46 4.51 -3.16
C CYS A 43 10.33 4.88 -1.96
N ARG A 44 10.45 3.94 -1.02
CA ARG A 44 11.25 4.17 0.18
C ARG A 44 12.67 4.60 -0.18
N GLU A 45 13.27 3.91 -1.14
CA GLU A 45 14.62 4.21 -1.57
C GLU A 45 14.70 5.63 -2.13
N SER A 46 13.61 6.09 -2.74
CA SER A 46 13.56 7.42 -3.31
C SER A 46 13.60 8.49 -2.22
N ARG A 47 14.58 9.40 -2.33
CA ARG A 47 14.73 10.46 -1.36
C ARG A 47 13.38 11.00 -0.91
N SER A 48 12.38 10.86 -1.77
CA SER A 48 11.03 11.32 -1.46
C SER A 48 10.56 10.79 -0.12
N HIS A 49 10.66 9.48 0.06
CA HIS A 49 10.26 8.84 1.31
C HIS A 49 11.47 8.40 2.12
N LYS A 50 12.58 8.17 1.43
CA LYS A 50 13.81 7.76 2.09
C LYS A 50 13.94 8.40 3.47
N GLN A 51 14.09 9.71 3.49
CA GLN A 51 14.22 10.44 4.75
C GLN A 51 13.08 10.10 5.70
N HIS A 52 11.89 9.93 5.15
CA HIS A 52 10.71 9.59 5.95
C HIS A 52 10.86 8.23 6.60
N SER A 53 10.50 8.14 7.87
CA SER A 53 10.60 6.89 8.61
C SER A 53 9.55 5.89 8.14
N VAL A 54 9.94 5.02 7.21
CA VAL A 54 9.03 4.02 6.67
C VAL A 54 9.13 2.70 7.45
N VAL A 55 8.05 1.93 7.46
CA VAL A 55 8.02 0.65 8.16
C VAL A 55 7.45 -0.44 7.28
N PRO A 56 7.87 -1.70 7.55
CA PRO A 56 7.40 -2.86 6.79
C PRO A 56 5.94 -3.18 7.06
N LEU A 57 5.07 -2.79 6.13
CA LEU A 57 3.64 -3.04 6.27
C LEU A 57 3.38 -4.41 6.88
N GLY A 1 -26.12 -28.67 2.84
CA GLY A 1 -26.50 -28.46 1.45
C GLY A 1 -25.43 -28.92 0.49
N SER A 2 -24.30 -28.21 0.48
CA SER A 2 -23.20 -28.55 -0.42
C SER A 2 -23.71 -29.02 -1.77
N SER A 3 -24.74 -28.33 -2.27
CA SER A 3 -25.33 -28.69 -3.56
C SER A 3 -25.77 -27.44 -4.32
N GLY A 4 -25.29 -27.30 -5.56
CA GLY A 4 -25.64 -26.15 -6.36
C GLY A 4 -24.78 -24.94 -6.06
N SER A 5 -24.57 -24.10 -7.06
CA SER A 5 -23.75 -22.89 -6.90
C SER A 5 -24.53 -21.65 -7.27
N SER A 6 -24.44 -20.62 -6.44
CA SER A 6 -25.14 -19.36 -6.68
C SER A 6 -24.34 -18.47 -7.63
N GLY A 7 -23.07 -18.25 -7.29
CA GLY A 7 -22.21 -17.41 -8.11
C GLY A 7 -22.71 -15.98 -8.19
N THR A 8 -22.68 -15.28 -7.06
CA THR A 8 -23.14 -13.89 -7.01
C THR A 8 -21.98 -12.95 -6.72
N PRO A 9 -21.97 -11.79 -7.41
CA PRO A 9 -20.92 -10.79 -7.24
C PRO A 9 -20.99 -10.10 -5.89
N GLY A 10 -19.97 -10.30 -5.07
CA GLY A 10 -19.93 -9.69 -3.75
C GLY A 10 -18.61 -9.89 -3.05
N ARG A 11 -17.89 -8.80 -2.85
CA ARG A 11 -16.59 -8.85 -2.19
C ARG A 11 -16.38 -7.64 -1.29
N GLY A 12 -15.94 -7.88 -0.06
CA GLY A 12 -15.71 -6.80 0.88
C GLY A 12 -14.83 -7.22 2.05
N SER A 13 -13.53 -7.02 1.91
CA SER A 13 -12.59 -7.39 2.95
C SER A 13 -11.61 -6.26 3.22
N ARG A 14 -11.44 -5.90 4.49
CA ARG A 14 -10.53 -4.83 4.88
C ARG A 14 -9.09 -5.20 4.55
N VAL A 15 -8.19 -4.24 4.65
CA VAL A 15 -6.78 -4.45 4.38
C VAL A 15 -5.94 -3.24 4.75
N THR A 16 -4.64 -3.46 4.94
CA THR A 16 -3.73 -2.38 5.30
C THR A 16 -3.44 -1.47 4.12
N ASP A 17 -3.97 -1.84 2.95
CA ASP A 17 -3.78 -1.05 1.74
C ASP A 17 -2.38 -1.26 1.19
N GLN A 18 -2.02 -2.52 0.95
CA GLN A 18 -0.70 -2.86 0.42
C GLN A 18 -0.82 -3.50 -0.95
N GLY A 19 -1.39 -2.78 -1.91
CA GLY A 19 -1.55 -3.30 -3.25
C GLY A 19 -0.30 -3.14 -4.09
N ILE A 20 -0.27 -2.10 -4.91
CA ILE A 20 0.87 -1.83 -5.78
C ILE A 20 1.06 -0.34 -5.99
N CYS A 21 2.31 0.08 -6.10
CA CYS A 21 2.64 1.50 -6.31
C CYS A 21 2.35 1.91 -7.75
N PRO A 22 1.44 2.89 -7.91
CA PRO A 22 1.06 3.39 -9.23
C PRO A 22 2.18 4.19 -9.89
N LYS A 23 3.35 4.18 -9.27
CA LYS A 23 4.51 4.90 -9.81
C LYS A 23 5.56 3.91 -10.32
N HIS A 24 6.00 3.01 -9.45
CA HIS A 24 7.01 2.03 -9.82
C HIS A 24 6.38 0.66 -10.03
N GLN A 25 5.12 0.52 -9.61
CA GLN A 25 4.40 -0.74 -9.75
C GLN A 25 5.12 -1.86 -9.02
N GLU A 26 5.44 -1.62 -7.75
CA GLU A 26 6.13 -2.62 -6.94
C GLU A 26 5.32 -2.99 -5.70
N ALA A 27 5.24 -4.27 -5.40
CA ALA A 27 4.49 -4.75 -4.25
C ALA A 27 4.70 -3.83 -3.04
N LEU A 28 3.67 -3.09 -2.69
CA LEU A 28 3.74 -2.17 -1.56
C LEU A 28 3.93 -2.93 -0.25
N LYS A 29 5.17 -3.02 0.22
CA LYS A 29 5.47 -3.72 1.45
C LYS A 29 6.03 -2.76 2.50
N LEU A 30 5.68 -1.49 2.38
CA LEU A 30 6.14 -0.47 3.32
C LEU A 30 5.09 0.61 3.52
N PHE A 31 5.14 1.27 4.67
CA PHE A 31 4.19 2.33 4.98
C PHE A 31 4.90 3.56 5.53
N CYS A 32 4.77 4.69 4.83
CA CYS A 32 5.41 5.93 5.25
C CYS A 32 4.75 6.48 6.51
N GLU A 33 5.51 6.51 7.60
CA GLU A 33 5.01 7.01 8.87
C GLU A 33 4.94 8.54 8.85
N VAL A 34 5.23 9.13 7.70
CA VAL A 34 5.20 10.58 7.56
C VAL A 34 4.07 11.02 6.63
N ASP A 35 3.79 10.19 5.64
CA ASP A 35 2.73 10.50 4.67
C ASP A 35 1.49 9.66 4.96
N GLU A 36 1.67 8.57 5.71
CA GLU A 36 0.56 7.68 6.05
C GLU A 36 0.00 7.02 4.79
N GLU A 37 0.88 6.48 3.96
CA GLU A 37 0.46 5.82 2.73
C GLU A 37 1.37 4.63 2.42
N ALA A 38 0.75 3.50 2.10
CA ALA A 38 1.50 2.29 1.78
C ALA A 38 2.31 2.46 0.50
N ILE A 39 3.64 2.39 0.64
CA ILE A 39 4.52 2.54 -0.51
C ILE A 39 5.24 1.23 -0.83
N CYS A 40 6.11 1.27 -1.82
CA CYS A 40 6.86 0.09 -2.23
C CYS A 40 8.34 0.22 -1.84
N VAL A 41 9.10 -0.86 -2.07
CA VAL A 41 10.52 -0.86 -1.75
C VAL A 41 11.24 0.27 -2.47
N VAL A 42 10.83 0.54 -3.70
CA VAL A 42 11.44 1.60 -4.50
C VAL A 42 11.18 2.97 -3.89
N CYS A 43 9.92 3.25 -3.59
CA CYS A 43 9.54 4.52 -3.00
C CYS A 43 10.37 4.82 -1.76
N ARG A 44 10.47 3.84 -0.88
CA ARG A 44 11.25 4.00 0.36
C ARG A 44 12.70 4.37 0.05
N GLU A 45 13.27 3.70 -0.95
CA GLU A 45 14.65 3.96 -1.35
C GLU A 45 14.78 5.33 -2.01
N SER A 46 13.70 5.79 -2.62
CA SER A 46 13.69 7.07 -3.30
C SER A 46 13.67 8.22 -2.28
N ARG A 47 14.59 9.17 -2.45
CA ARG A 47 14.69 10.31 -1.55
C ARG A 47 13.30 10.81 -1.17
N SER A 48 12.32 10.55 -2.02
CA SER A 48 10.94 10.98 -1.77
C SER A 48 10.50 10.58 -0.37
N HIS A 49 10.58 9.28 -0.08
CA HIS A 49 10.18 8.77 1.23
C HIS A 49 11.40 8.41 2.06
N LYS A 50 12.52 8.15 1.38
CA LYS A 50 13.76 7.79 2.05
C LYS A 50 13.88 8.51 3.40
N GLN A 51 14.06 9.82 3.35
CA GLN A 51 14.18 10.63 4.55
C GLN A 51 13.09 10.28 5.55
N HIS A 52 11.88 10.05 5.04
CA HIS A 52 10.74 9.71 5.89
C HIS A 52 10.95 8.35 6.56
N SER A 53 10.56 8.25 7.82
CA SER A 53 10.71 7.00 8.57
C SER A 53 9.63 5.99 8.16
N VAL A 54 9.97 5.16 7.17
CA VAL A 54 9.04 4.15 6.69
C VAL A 54 9.14 2.86 7.51
N VAL A 55 8.11 2.04 7.42
CA VAL A 55 8.08 0.78 8.15
C VAL A 55 7.47 -0.34 7.30
N PRO A 56 7.88 -1.58 7.61
CA PRO A 56 7.38 -2.76 6.88
C PRO A 56 5.91 -3.06 7.18
N LEU A 57 5.05 -2.74 6.22
CA LEU A 57 3.62 -2.97 6.37
C LEU A 57 3.35 -4.31 7.06
N GLY A 1 -37.93 -6.82 -25.69
CA GLY A 1 -36.76 -5.99 -25.44
C GLY A 1 -35.47 -6.76 -25.58
N SER A 2 -34.51 -6.48 -24.70
CA SER A 2 -33.21 -7.14 -24.72
C SER A 2 -32.53 -7.05 -23.36
N SER A 3 -31.83 -8.12 -22.99
CA SER A 3 -31.12 -8.16 -21.71
C SER A 3 -29.61 -8.08 -21.91
N GLY A 4 -28.88 -7.99 -20.81
CA GLY A 4 -27.43 -7.90 -20.89
C GLY A 4 -26.75 -8.53 -19.69
N SER A 5 -26.55 -7.73 -18.64
CA SER A 5 -25.90 -8.21 -17.43
C SER A 5 -24.58 -8.90 -17.76
N SER A 6 -23.79 -8.26 -18.62
CA SER A 6 -22.50 -8.81 -19.02
C SER A 6 -21.37 -8.24 -18.17
N GLY A 7 -20.39 -9.07 -17.86
CA GLY A 7 -19.26 -8.63 -17.06
C GLY A 7 -18.48 -9.78 -16.46
N THR A 8 -17.18 -9.82 -16.73
CA THR A 8 -16.33 -10.88 -16.21
C THR A 8 -15.10 -10.31 -15.50
N PRO A 9 -14.66 -10.99 -14.44
CA PRO A 9 -13.51 -10.57 -13.64
C PRO A 9 -12.20 -10.74 -14.40
N GLY A 10 -11.39 -9.68 -14.41
CA GLY A 10 -10.11 -9.74 -15.12
C GLY A 10 -8.95 -9.27 -14.25
N ARG A 11 -9.15 -8.13 -13.57
CA ARG A 11 -8.12 -7.57 -12.71
C ARG A 11 -8.10 -8.28 -11.35
N GLY A 12 -7.13 -7.92 -10.53
CA GLY A 12 -7.01 -8.52 -9.21
C GLY A 12 -7.43 -7.58 -8.10
N SER A 13 -6.52 -6.67 -7.74
CA SER A 13 -6.79 -5.70 -6.67
C SER A 13 -7.58 -6.36 -5.54
N ARG A 14 -7.09 -7.49 -5.07
CA ARG A 14 -7.75 -8.22 -3.98
C ARG A 14 -7.78 -7.37 -2.71
N VAL A 15 -7.08 -6.23 -2.74
CA VAL A 15 -7.05 -5.34 -1.59
C VAL A 15 -7.09 -3.87 -2.03
N THR A 16 -7.01 -2.97 -1.06
CA THR A 16 -7.05 -1.54 -1.35
C THR A 16 -5.71 -0.89 -1.03
N ASP A 17 -5.02 -1.42 -0.02
CA ASP A 17 -3.72 -0.88 0.38
C ASP A 17 -2.64 -1.94 0.27
N GLN A 18 -1.42 -1.59 0.68
CA GLN A 18 -0.29 -2.52 0.62
C GLN A 18 -0.37 -3.39 -0.62
N GLY A 19 -0.95 -2.84 -1.69
CA GLY A 19 -1.07 -3.59 -2.93
C GLY A 19 0.10 -3.35 -3.86
N ILE A 20 -0.05 -2.42 -4.79
CA ILE A 20 1.00 -2.10 -5.75
C ILE A 20 1.10 -0.60 -5.98
N CYS A 21 2.33 -0.10 -6.06
CA CYS A 21 2.56 1.31 -6.28
C CYS A 21 2.26 1.70 -7.73
N PRO A 22 1.33 2.65 -7.91
CA PRO A 22 0.94 3.12 -9.24
C PRO A 22 2.03 3.93 -9.92
N LYS A 23 3.20 3.97 -9.30
CA LYS A 23 4.35 4.70 -9.85
C LYS A 23 5.43 3.75 -10.33
N HIS A 24 5.85 2.85 -9.45
CA HIS A 24 6.88 1.88 -9.78
C HIS A 24 6.29 0.48 -9.96
N GLN A 25 5.05 0.31 -9.51
CA GLN A 25 4.36 -0.97 -9.62
C GLN A 25 5.09 -2.04 -8.80
N GLU A 26 5.42 -1.72 -7.56
CA GLU A 26 6.11 -2.64 -6.68
C GLU A 26 5.24 -3.02 -5.49
N ALA A 27 5.17 -4.32 -5.20
CA ALA A 27 4.36 -4.80 -4.08
C ALA A 27 4.56 -3.93 -2.85
N LEU A 28 3.59 -3.07 -2.58
CA LEU A 28 3.66 -2.18 -1.42
C LEU A 28 3.85 -2.97 -0.13
N LYS A 29 5.10 -3.07 0.31
CA LYS A 29 5.42 -3.80 1.53
C LYS A 29 5.98 -2.86 2.60
N LEU A 30 5.68 -1.57 2.46
CA LEU A 30 6.15 -0.57 3.41
C LEU A 30 5.13 0.55 3.58
N PHE A 31 5.20 1.24 4.72
CA PHE A 31 4.28 2.34 5.00
C PHE A 31 5.02 3.54 5.55
N CYS A 32 4.86 4.69 4.89
CA CYS A 32 5.51 5.92 5.31
C CYS A 32 4.86 6.48 6.57
N GLU A 33 5.60 6.48 7.66
CA GLU A 33 5.09 6.99 8.93
C GLU A 33 5.11 8.51 8.95
N VAL A 34 5.43 9.11 7.81
CA VAL A 34 5.49 10.56 7.69
C VAL A 34 4.38 11.08 6.80
N ASP A 35 3.99 10.28 5.81
CA ASP A 35 2.92 10.67 4.90
C ASP A 35 1.66 9.85 5.14
N GLU A 36 1.82 8.75 5.87
CA GLU A 36 0.69 7.87 6.18
C GLU A 36 0.11 7.25 4.91
N GLU A 37 0.99 6.77 4.04
CA GLU A 37 0.57 6.16 2.79
C GLU A 37 1.44 4.95 2.46
N ALA A 38 0.79 3.86 2.03
CA ALA A 38 1.51 2.64 1.68
C ALA A 38 2.41 2.86 0.48
N ILE A 39 3.69 2.53 0.64
CA ILE A 39 4.66 2.69 -0.44
C ILE A 39 5.36 1.36 -0.74
N CYS A 40 6.15 1.35 -1.81
CA CYS A 40 6.89 0.16 -2.20
C CYS A 40 8.38 0.30 -1.89
N VAL A 41 9.13 -0.77 -2.12
CA VAL A 41 10.56 -0.76 -1.86
C VAL A 41 11.25 0.38 -2.59
N VAL A 42 10.79 0.66 -3.81
CA VAL A 42 11.36 1.74 -4.61
C VAL A 42 11.07 3.10 -4.00
N CYS A 43 9.80 3.32 -3.65
CA CYS A 43 9.39 4.58 -3.05
C CYS A 43 10.21 4.88 -1.79
N ARG A 44 10.49 3.84 -1.02
CA ARG A 44 11.26 4.00 0.21
C ARG A 44 12.68 4.46 -0.09
N GLU A 45 13.27 3.91 -1.14
CA GLU A 45 14.63 4.27 -1.54
C GLU A 45 14.66 5.65 -2.18
N SER A 46 13.56 6.03 -2.81
CA SER A 46 13.45 7.32 -3.47
C SER A 46 13.43 8.45 -2.45
N ARG A 47 14.30 9.44 -2.66
CA ARG A 47 14.38 10.58 -1.75
C ARG A 47 13.00 10.98 -1.25
N SER A 48 11.98 10.73 -2.07
CA SER A 48 10.61 11.07 -1.70
C SER A 48 10.27 10.52 -0.32
N HIS A 49 10.59 9.25 -0.10
CA HIS A 49 10.31 8.61 1.18
C HIS A 49 11.57 7.95 1.75
N LYS A 50 12.72 8.53 1.43
CA LYS A 50 14.00 8.01 1.90
C LYS A 50 14.30 8.51 3.31
N GLN A 51 14.07 9.79 3.55
CA GLN A 51 14.32 10.39 4.85
C GLN A 51 13.15 10.14 5.79
N HIS A 52 12.00 9.76 5.23
CA HIS A 52 10.82 9.49 6.02
C HIS A 52 10.92 8.12 6.69
N SER A 53 10.50 8.05 7.95
CA SER A 53 10.55 6.81 8.71
C SER A 53 9.51 5.82 8.20
N VAL A 54 9.94 4.93 7.31
CA VAL A 54 9.05 3.92 6.74
C VAL A 54 9.12 2.62 7.52
N VAL A 55 7.97 1.93 7.61
CA VAL A 55 7.90 0.67 8.33
C VAL A 55 7.34 -0.44 7.46
N PRO A 56 7.72 -1.69 7.75
CA PRO A 56 7.26 -2.86 7.01
C PRO A 56 5.78 -3.15 7.22
N LEU A 57 4.96 -2.79 6.25
CA LEU A 57 3.51 -3.01 6.33
C LEU A 57 3.22 -4.34 7.00
N GLY A 1 -37.81 -14.13 -23.16
CA GLY A 1 -37.87 -12.69 -22.95
C GLY A 1 -36.59 -12.14 -22.36
N SER A 2 -36.72 -11.22 -21.42
CA SER A 2 -35.57 -10.60 -20.79
C SER A 2 -35.79 -10.46 -19.28
N SER A 3 -34.83 -10.96 -18.51
CA SER A 3 -34.92 -10.90 -17.05
C SER A 3 -33.53 -10.92 -16.43
N GLY A 4 -33.38 -10.24 -15.29
CA GLY A 4 -32.10 -10.20 -14.60
C GLY A 4 -32.20 -10.67 -13.17
N SER A 5 -31.13 -11.30 -12.68
CA SER A 5 -31.10 -11.80 -11.32
C SER A 5 -30.12 -11.01 -10.47
N SER A 6 -30.54 -10.66 -9.25
CA SER A 6 -29.71 -9.90 -8.34
C SER A 6 -28.76 -10.80 -7.57
N GLY A 7 -27.71 -10.22 -7.01
CA GLY A 7 -26.74 -10.99 -6.26
C GLY A 7 -25.33 -10.82 -6.78
N THR A 8 -24.37 -10.69 -5.88
CA THR A 8 -22.98 -10.52 -6.26
C THR A 8 -22.06 -11.24 -5.29
N PRO A 9 -21.04 -11.93 -5.84
CA PRO A 9 -20.06 -12.68 -5.04
C PRO A 9 -19.14 -11.75 -4.25
N GLY A 10 -18.53 -12.30 -3.20
CA GLY A 10 -17.64 -11.50 -2.37
C GLY A 10 -16.28 -11.29 -3.02
N ARG A 11 -15.90 -10.03 -3.18
CA ARG A 11 -14.63 -9.69 -3.81
C ARG A 11 -13.79 -8.80 -2.88
N GLY A 12 -13.74 -9.16 -1.60
CA GLY A 12 -12.98 -8.39 -0.64
C GLY A 12 -12.44 -9.23 0.49
N SER A 13 -11.43 -10.04 0.20
CA SER A 13 -10.82 -10.92 1.20
C SER A 13 -9.30 -10.83 1.13
N ARG A 14 -8.77 -9.62 1.14
CA ARG A 14 -7.34 -9.41 1.08
C ARG A 14 -7.00 -7.92 1.21
N VAL A 15 -5.83 -7.64 1.77
CA VAL A 15 -5.38 -6.26 1.96
C VAL A 15 -5.65 -5.42 0.71
N THR A 16 -5.84 -4.13 0.90
CA THR A 16 -6.11 -3.21 -0.20
C THR A 16 -5.09 -2.08 -0.24
N ASP A 17 -4.57 -1.73 0.94
CA ASP A 17 -3.59 -0.65 1.04
C ASP A 17 -2.18 -1.18 0.79
N GLN A 18 -2.09 -2.45 0.38
CA GLN A 18 -0.80 -3.07 0.11
C GLN A 18 -0.84 -3.85 -1.19
N GLY A 19 -1.35 -3.21 -2.24
CA GLY A 19 -1.43 -3.87 -3.54
C GLY A 19 -0.21 -3.60 -4.40
N ILE A 20 -0.26 -2.52 -5.18
CA ILE A 20 0.84 -2.16 -6.06
C ILE A 20 1.01 -0.64 -6.13
N CYS A 21 2.26 -0.19 -6.18
CA CYS A 21 2.55 1.23 -6.25
C CYS A 21 2.27 1.77 -7.65
N PRO A 22 1.36 2.76 -7.73
CA PRO A 22 0.97 3.38 -9.00
C PRO A 22 2.09 4.25 -9.57
N LYS A 23 3.26 4.17 -8.96
CA LYS A 23 4.42 4.94 -9.42
C LYS A 23 5.49 4.02 -10.01
N HIS A 24 5.89 3.03 -9.24
CA HIS A 24 6.90 2.07 -9.69
C HIS A 24 6.30 0.70 -9.93
N GLN A 25 5.04 0.54 -9.52
CA GLN A 25 4.35 -0.74 -9.70
C GLN A 25 5.10 -1.87 -8.99
N GLU A 26 5.42 -1.64 -7.71
CA GLU A 26 6.14 -2.64 -6.93
C GLU A 26 5.35 -3.01 -5.67
N ALA A 27 5.21 -4.31 -5.44
CA ALA A 27 4.48 -4.80 -4.27
C ALA A 27 4.68 -3.89 -3.07
N LEU A 28 3.60 -3.29 -2.59
CA LEU A 28 3.66 -2.40 -1.45
C LEU A 28 3.90 -3.18 -0.16
N LYS A 29 5.14 -3.16 0.33
CA LYS A 29 5.49 -3.85 1.55
C LYS A 29 6.06 -2.88 2.59
N LEU A 30 5.67 -1.63 2.48
CA LEU A 30 6.14 -0.60 3.41
C LEU A 30 5.10 0.50 3.58
N PHE A 31 5.19 1.24 4.67
CA PHE A 31 4.25 2.33 4.94
C PHE A 31 4.99 3.54 5.51
N CYS A 32 4.86 4.67 4.83
CA CYS A 32 5.51 5.92 5.27
C CYS A 32 4.86 6.44 6.54
N GLU A 33 5.62 6.45 7.63
CA GLU A 33 5.12 6.94 8.91
C GLU A 33 5.13 8.46 8.95
N VAL A 34 5.38 9.08 7.80
CA VAL A 34 5.41 10.53 7.71
C VAL A 34 4.28 11.06 6.84
N ASP A 35 3.94 10.31 5.80
CA ASP A 35 2.86 10.69 4.89
C ASP A 35 1.61 9.87 5.16
N GLU A 36 1.77 8.77 5.89
CA GLU A 36 0.65 7.90 6.21
C GLU A 36 0.07 7.27 4.95
N GLU A 37 0.95 6.85 4.05
CA GLU A 37 0.52 6.23 2.80
C GLU A 37 1.42 5.04 2.45
N ALA A 38 0.79 3.94 2.04
CA ALA A 38 1.52 2.73 1.68
C ALA A 38 2.47 3.00 0.52
N ILE A 39 3.67 2.43 0.60
CA ILE A 39 4.67 2.61 -0.46
C ILE A 39 5.37 1.29 -0.77
N CYS A 40 6.19 1.31 -1.81
CA CYS A 40 6.93 0.11 -2.22
C CYS A 40 8.42 0.25 -1.90
N VAL A 41 9.16 -0.84 -2.06
CA VAL A 41 10.59 -0.83 -1.79
C VAL A 41 11.27 0.34 -2.48
N VAL A 42 10.94 0.56 -3.75
CA VAL A 42 11.52 1.65 -4.51
C VAL A 42 11.22 3.00 -3.87
N CYS A 43 9.95 3.21 -3.53
CA CYS A 43 9.52 4.46 -2.91
C CYS A 43 10.36 4.76 -1.67
N ARG A 44 10.47 3.78 -0.78
CA ARG A 44 11.24 3.94 0.44
C ARG A 44 12.66 4.43 0.13
N GLU A 45 13.31 3.75 -0.81
CA GLU A 45 14.67 4.11 -1.20
C GLU A 45 14.69 5.43 -1.96
N SER A 46 13.56 5.78 -2.57
CA SER A 46 13.44 7.01 -3.33
C SER A 46 13.40 8.22 -2.41
N ARG A 47 14.26 9.20 -2.69
CA ARG A 47 14.33 10.41 -1.88
C ARG A 47 12.95 10.83 -1.41
N SER A 48 11.95 10.58 -2.25
CA SER A 48 10.57 10.93 -1.92
C SER A 48 10.21 10.49 -0.50
N HIS A 49 10.53 9.25 -0.18
CA HIS A 49 10.25 8.69 1.14
C HIS A 49 11.52 8.11 1.77
N LYS A 50 12.67 8.61 1.35
CA LYS A 50 13.95 8.14 1.87
C LYS A 50 14.22 8.71 3.25
N GLN A 51 14.03 10.01 3.40
CA GLN A 51 14.26 10.69 4.68
C GLN A 51 13.13 10.36 5.66
N HIS A 52 11.99 9.94 5.13
CA HIS A 52 10.84 9.59 5.96
C HIS A 52 11.03 8.22 6.60
N SER A 53 10.71 8.13 7.89
CA SER A 53 10.85 6.87 8.62
C SER A 53 9.79 5.87 8.18
N VAL A 54 10.11 5.07 7.18
CA VAL A 54 9.19 4.06 6.66
C VAL A 54 9.22 2.80 7.52
N VAL A 55 8.08 2.10 7.56
CA VAL A 55 7.98 0.87 8.33
C VAL A 55 7.38 -0.26 7.50
N PRO A 56 7.74 -1.51 7.85
CA PRO A 56 7.24 -2.69 7.15
C PRO A 56 5.76 -2.94 7.40
N LEU A 57 4.94 -2.74 6.36
CA LEU A 57 3.51 -2.94 6.47
C LEU A 57 3.19 -4.23 7.21
N GLY A 1 -14.24 1.43 -6.66
CA GLY A 1 -13.00 0.67 -6.83
C GLY A 1 -13.24 -0.78 -7.18
N SER A 2 -12.40 -1.32 -8.06
CA SER A 2 -12.54 -2.71 -8.49
C SER A 2 -11.82 -3.64 -7.52
N SER A 3 -12.59 -4.30 -6.66
CA SER A 3 -12.02 -5.21 -5.69
C SER A 3 -12.50 -6.64 -5.93
N GLY A 4 -12.54 -7.02 -7.20
CA GLY A 4 -12.98 -8.36 -7.56
C GLY A 4 -14.49 -8.43 -7.76
N SER A 5 -15.16 -9.19 -6.89
CA SER A 5 -16.60 -9.35 -6.98
C SER A 5 -17.31 -8.49 -5.93
N SER A 6 -18.27 -7.69 -6.39
CA SER A 6 -19.01 -6.80 -5.50
C SER A 6 -19.33 -7.50 -4.19
N GLY A 7 -19.30 -6.74 -3.10
CA GLY A 7 -19.59 -7.30 -1.79
C GLY A 7 -18.56 -6.90 -0.74
N THR A 8 -18.65 -5.65 -0.29
CA THR A 8 -17.71 -5.15 0.70
C THR A 8 -18.35 -5.11 2.09
N PRO A 9 -17.58 -5.48 3.11
CA PRO A 9 -18.05 -5.50 4.50
C PRO A 9 -18.27 -4.09 5.06
N GLY A 10 -17.43 -3.16 4.62
CA GLY A 10 -17.55 -1.78 5.08
C GLY A 10 -16.56 -0.86 4.40
N ARG A 11 -16.85 0.44 4.45
CA ARG A 11 -15.97 1.44 3.83
C ARG A 11 -15.83 2.66 4.73
N GLY A 12 -14.63 3.24 4.75
CA GLY A 12 -14.38 4.41 5.57
C GLY A 12 -13.04 5.05 5.26
N SER A 13 -12.82 5.40 4.00
CA SER A 13 -11.57 6.03 3.58
C SER A 13 -10.38 5.13 3.91
N ARG A 14 -10.52 3.84 3.59
CA ARG A 14 -9.46 2.87 3.85
C ARG A 14 -8.28 3.09 2.91
N VAL A 15 -7.06 2.92 3.42
CA VAL A 15 -5.86 3.10 2.63
C VAL A 15 -5.62 1.90 1.72
N THR A 16 -4.92 2.13 0.62
CA THR A 16 -4.63 1.07 -0.35
C THR A 16 -4.30 -0.24 0.37
N ASP A 17 -4.73 -1.34 -0.22
CA ASP A 17 -4.50 -2.66 0.35
C ASP A 17 -3.08 -3.14 0.05
N GLN A 18 -2.10 -2.28 0.33
CA GLN A 18 -0.70 -2.60 0.09
C GLN A 18 -0.55 -3.45 -1.17
N GLY A 19 -1.45 -3.23 -2.14
CA GLY A 19 -1.40 -3.99 -3.37
C GLY A 19 -0.13 -3.72 -4.16
N ILE A 20 -0.16 -2.65 -4.96
CA ILE A 20 0.99 -2.28 -5.78
C ILE A 20 1.09 -0.76 -5.92
N CYS A 21 2.31 -0.28 -6.17
CA CYS A 21 2.55 1.15 -6.33
C CYS A 21 2.26 1.59 -7.76
N PRO A 22 1.32 2.53 -7.92
CA PRO A 22 0.93 3.06 -9.23
C PRO A 22 2.02 3.91 -9.85
N LYS A 23 3.19 3.93 -9.21
CA LYS A 23 4.32 4.71 -9.71
C LYS A 23 5.42 3.80 -10.22
N HIS A 24 5.86 2.87 -9.38
CA HIS A 24 6.91 1.92 -9.75
C HIS A 24 6.34 0.54 -9.98
N GLN A 25 5.09 0.34 -9.57
CA GLN A 25 4.43 -0.96 -9.72
C GLN A 25 5.15 -2.04 -8.92
N GLU A 26 5.42 -1.76 -7.66
CA GLU A 26 6.11 -2.71 -6.79
C GLU A 26 5.25 -3.06 -5.59
N ALA A 27 5.20 -4.35 -5.25
CA ALA A 27 4.42 -4.82 -4.12
C ALA A 27 4.61 -3.93 -2.90
N LEU A 28 3.55 -3.25 -2.50
CA LEU A 28 3.61 -2.35 -1.35
C LEU A 28 3.84 -3.13 -0.06
N LYS A 29 5.08 -3.09 0.42
CA LYS A 29 5.44 -3.79 1.64
C LYS A 29 6.01 -2.82 2.67
N LEU A 30 5.67 -1.55 2.54
CA LEU A 30 6.15 -0.52 3.46
C LEU A 30 5.12 0.58 3.63
N PHE A 31 5.25 1.35 4.71
CA PHE A 31 4.33 2.45 4.99
C PHE A 31 5.07 3.65 5.56
N CYS A 32 4.90 4.80 4.91
CA CYS A 32 5.55 6.02 5.35
C CYS A 32 4.91 6.56 6.62
N GLU A 33 5.65 6.53 7.72
CA GLU A 33 5.15 7.02 9.00
C GLU A 33 5.18 8.54 9.05
N VAL A 34 5.56 9.16 7.94
CA VAL A 34 5.63 10.62 7.85
C VAL A 34 4.55 11.17 6.96
N ASP A 35 4.16 10.39 5.95
CA ASP A 35 3.12 10.81 5.02
C ASP A 35 1.83 10.00 5.23
N GLU A 36 1.95 8.91 5.96
CA GLU A 36 0.80 8.04 6.24
C GLU A 36 0.23 7.47 4.94
N GLU A 37 1.11 7.10 4.03
CA GLU A 37 0.69 6.54 2.75
C GLU A 37 1.53 5.32 2.39
N ALA A 38 0.86 4.21 2.09
CA ALA A 38 1.55 2.98 1.72
C ALA A 38 2.51 3.21 0.56
N ILE A 39 3.69 2.60 0.64
CA ILE A 39 4.69 2.74 -0.41
C ILE A 39 5.38 1.41 -0.70
N CYS A 40 6.11 1.36 -1.81
CA CYS A 40 6.83 0.14 -2.19
C CYS A 40 8.31 0.25 -1.85
N VAL A 41 9.07 -0.78 -2.22
CA VAL A 41 10.50 -0.80 -1.95
C VAL A 41 11.21 0.35 -2.66
N VAL A 42 10.78 0.65 -3.88
CA VAL A 42 11.37 1.73 -4.66
C VAL A 42 11.06 3.09 -4.04
N CYS A 43 9.81 3.27 -3.63
CA CYS A 43 9.39 4.54 -3.02
C CYS A 43 10.22 4.85 -1.79
N ARG A 44 10.42 3.85 -0.94
CA ARG A 44 11.20 4.03 0.28
C ARG A 44 12.61 4.49 -0.05
N GLU A 45 13.21 3.88 -1.06
CA GLU A 45 14.56 4.25 -1.47
C GLU A 45 14.59 5.63 -2.11
N SER A 46 13.47 6.01 -2.72
CA SER A 46 13.37 7.32 -3.37
C SER A 46 13.44 8.44 -2.36
N ARG A 47 14.15 9.51 -2.72
CA ARG A 47 14.30 10.66 -1.83
C ARG A 47 12.94 11.11 -1.29
N SER A 48 11.88 10.76 -2.00
CA SER A 48 10.52 11.13 -1.59
C SER A 48 10.20 10.57 -0.21
N HIS A 49 10.60 9.32 0.02
CA HIS A 49 10.36 8.65 1.30
C HIS A 49 11.64 8.01 1.83
N LYS A 50 12.77 8.58 1.47
CA LYS A 50 14.07 8.06 1.92
C LYS A 50 14.44 8.60 3.29
N GLN A 51 14.15 9.88 3.51
CA GLN A 51 14.45 10.52 4.79
C GLN A 51 13.33 10.27 5.80
N HIS A 52 12.18 9.81 5.30
CA HIS A 52 11.05 9.53 6.16
C HIS A 52 11.16 8.15 6.79
N SER A 53 10.83 8.06 8.07
CA SER A 53 10.90 6.79 8.80
C SER A 53 9.79 5.84 8.35
N VAL A 54 10.10 5.02 7.36
CA VAL A 54 9.14 4.06 6.84
C VAL A 54 9.14 2.77 7.65
N VAL A 55 8.03 2.03 7.60
CA VAL A 55 7.91 0.78 8.33
C VAL A 55 7.31 -0.31 7.45
N PRO A 56 7.67 -1.57 7.76
CA PRO A 56 7.18 -2.73 7.01
C PRO A 56 5.69 -2.99 7.25
N LEU A 57 4.88 -2.70 6.25
CA LEU A 57 3.44 -2.90 6.35
C LEU A 57 3.13 -4.25 7.00
N GLY A 1 -18.98 3.66 38.59
CA GLY A 1 -17.85 3.20 37.80
C GLY A 1 -18.00 1.76 37.35
N SER A 2 -17.02 1.27 36.60
CA SER A 2 -17.05 -0.10 36.10
C SER A 2 -15.72 -0.48 35.47
N SER A 3 -15.55 -1.76 35.18
CA SER A 3 -14.31 -2.25 34.57
C SER A 3 -14.57 -3.52 33.76
N GLY A 4 -13.65 -3.84 32.85
CA GLY A 4 -13.80 -5.02 32.03
C GLY A 4 -13.31 -4.80 30.62
N SER A 5 -13.48 -5.80 29.76
CA SER A 5 -13.05 -5.71 28.37
C SER A 5 -13.66 -6.84 27.54
N SER A 6 -14.31 -6.46 26.44
CA SER A 6 -14.94 -7.44 25.56
C SER A 6 -15.21 -6.83 24.18
N GLY A 7 -14.81 -7.55 23.13
CA GLY A 7 -15.02 -7.08 21.79
C GLY A 7 -15.73 -8.08 20.91
N THR A 8 -16.15 -7.65 19.73
CA THR A 8 -16.85 -8.53 18.80
C THR A 8 -16.23 -8.47 17.42
N PRO A 9 -15.43 -9.49 17.08
CA PRO A 9 -14.76 -9.58 15.78
C PRO A 9 -15.74 -9.84 14.64
N GLY A 10 -15.29 -9.59 13.41
CA GLY A 10 -16.13 -9.80 12.25
C GLY A 10 -15.33 -10.07 10.99
N ARG A 11 -15.82 -10.98 10.16
CA ARG A 11 -15.15 -11.32 8.92
C ARG A 11 -15.69 -10.48 7.75
N GLY A 12 -14.89 -9.51 7.32
CA GLY A 12 -15.30 -8.66 6.22
C GLY A 12 -14.76 -7.25 6.34
N SER A 13 -13.45 -7.11 6.17
CA SER A 13 -12.79 -5.81 6.26
C SER A 13 -11.37 -5.87 5.72
N ARG A 14 -11.06 -4.97 4.79
CA ARG A 14 -9.73 -4.93 4.19
C ARG A 14 -8.65 -5.26 5.22
N VAL A 15 -7.98 -6.39 5.01
CA VAL A 15 -6.92 -6.82 5.92
C VAL A 15 -5.78 -5.80 5.96
N THR A 16 -5.64 -5.04 4.89
CA THR A 16 -4.59 -4.02 4.80
C THR A 16 -4.72 -3.22 3.52
N ASP A 17 -3.75 -2.32 3.29
CA ASP A 17 -3.75 -1.49 2.10
C ASP A 17 -2.40 -1.56 1.39
N GLN A 18 -2.00 -2.77 1.01
CA GLN A 18 -0.72 -2.96 0.33
C GLN A 18 -0.93 -3.61 -1.04
N GLY A 19 -1.19 -2.79 -2.05
CA GLY A 19 -1.40 -3.30 -3.39
C GLY A 19 -0.19 -3.14 -4.28
N ILE A 20 -0.23 -2.13 -5.14
CA ILE A 20 0.88 -1.86 -6.06
C ILE A 20 1.04 -0.37 -6.29
N CYS A 21 2.28 0.12 -6.16
CA CYS A 21 2.58 1.53 -6.37
C CYS A 21 2.32 1.94 -7.81
N PRO A 22 1.41 2.90 -8.00
CA PRO A 22 1.05 3.40 -9.33
C PRO A 22 2.18 4.21 -9.97
N LYS A 23 3.33 4.23 -9.31
CA LYS A 23 4.49 4.97 -9.80
C LYS A 23 5.56 4.00 -10.33
N HIS A 24 5.95 3.05 -9.48
CA HIS A 24 6.95 2.07 -9.87
C HIS A 24 6.32 0.69 -10.09
N GLN A 25 5.10 0.53 -9.60
CA GLN A 25 4.38 -0.74 -9.75
C GLN A 25 5.10 -1.85 -8.99
N GLU A 26 5.42 -1.60 -7.73
CA GLU A 26 6.11 -2.59 -6.91
C GLU A 26 5.28 -2.94 -5.67
N ALA A 27 5.17 -4.23 -5.38
CA ALA A 27 4.41 -4.70 -4.24
C ALA A 27 4.67 -3.81 -3.02
N LEU A 28 3.64 -3.08 -2.59
CA LEU A 28 3.77 -2.19 -1.44
C LEU A 28 3.94 -2.99 -0.16
N LYS A 29 5.17 -3.04 0.34
CA LYS A 29 5.47 -3.76 1.56
C LYS A 29 6.00 -2.82 2.65
N LEU A 30 5.73 -1.52 2.48
CA LEU A 30 6.18 -0.52 3.43
C LEU A 30 5.13 0.56 3.61
N PHE A 31 5.18 1.25 4.75
CA PHE A 31 4.23 2.33 5.04
C PHE A 31 4.96 3.56 5.57
N CYS A 32 4.73 4.69 4.90
CA CYS A 32 5.36 5.95 5.30
C CYS A 32 4.67 6.53 6.52
N GLU A 33 5.39 6.57 7.64
CA GLU A 33 4.85 7.11 8.89
C GLU A 33 4.82 8.63 8.85
N VAL A 34 5.20 9.20 7.71
CA VAL A 34 5.21 10.65 7.54
C VAL A 34 4.11 11.10 6.59
N ASP A 35 3.79 10.25 5.62
CA ASP A 35 2.75 10.56 4.64
C ASP A 35 1.49 9.74 4.90
N GLU A 36 1.63 8.67 5.68
CA GLU A 36 0.51 7.81 6.00
C GLU A 36 -0.04 7.14 4.75
N GLU A 37 0.86 6.65 3.90
CA GLU A 37 0.47 5.98 2.66
C GLU A 37 1.37 4.79 2.38
N ALA A 38 0.76 3.67 2.00
CA ALA A 38 1.51 2.47 1.69
C ALA A 38 2.35 2.64 0.42
N ILE A 39 3.67 2.53 0.58
CA ILE A 39 4.58 2.68 -0.55
C ILE A 39 5.26 1.36 -0.89
N CYS A 40 6.13 1.38 -1.89
CA CYS A 40 6.84 0.18 -2.32
C CYS A 40 8.33 0.31 -2.03
N VAL A 41 9.05 -0.80 -2.17
CA VAL A 41 10.49 -0.82 -1.92
C VAL A 41 11.17 0.34 -2.64
N VAL A 42 10.84 0.52 -3.92
CA VAL A 42 11.42 1.59 -4.72
C VAL A 42 11.18 2.96 -4.07
N CYS A 43 9.93 3.20 -3.70
CA CYS A 43 9.56 4.47 -3.07
C CYS A 43 10.41 4.73 -1.82
N ARG A 44 10.43 3.76 -0.91
CA ARG A 44 11.20 3.89 0.32
C ARG A 44 12.65 4.27 0.02
N GLU A 45 13.21 3.64 -1.00
CA GLU A 45 14.60 3.91 -1.39
C GLU A 45 14.71 5.29 -2.03
N SER A 46 13.64 5.75 -2.66
CA SER A 46 13.63 7.05 -3.32
C SER A 46 13.66 8.18 -2.29
N ARG A 47 14.61 9.10 -2.45
CA ARG A 47 14.75 10.22 -1.54
C ARG A 47 13.38 10.77 -1.13
N SER A 48 12.39 10.57 -1.99
CA SER A 48 11.04 11.04 -1.73
C SER A 48 10.59 10.65 -0.33
N HIS A 49 10.63 9.35 -0.04
CA HIS A 49 10.23 8.84 1.26
C HIS A 49 11.44 8.41 2.08
N LYS A 50 12.54 8.14 1.39
CA LYS A 50 13.77 7.71 2.05
C LYS A 50 13.92 8.38 3.41
N GLN A 51 14.10 9.70 3.40
CA GLN A 51 14.25 10.46 4.64
C GLN A 51 13.13 10.14 5.62
N HIS A 52 11.92 10.00 5.10
CA HIS A 52 10.75 9.69 5.92
C HIS A 52 10.94 8.35 6.63
N SER A 53 10.50 8.28 7.88
CA SER A 53 10.61 7.06 8.66
C SER A 53 9.57 6.03 8.24
N VAL A 54 9.95 5.18 7.29
CA VAL A 54 9.05 4.15 6.78
C VAL A 54 9.15 2.87 7.62
N VAL A 55 8.12 2.04 7.55
CA VAL A 55 8.08 0.79 8.30
C VAL A 55 7.49 -0.33 7.46
N PRO A 56 7.90 -1.58 7.77
CA PRO A 56 7.42 -2.76 7.06
C PRO A 56 5.95 -3.07 7.34
N LEU A 57 5.10 -2.85 6.35
CA LEU A 57 3.68 -3.09 6.48
C LEU A 57 3.42 -4.44 7.14
N GLY A 1 -19.88 -23.86 23.37
CA GLY A 1 -21.30 -24.09 23.58
C GLY A 1 -22.11 -23.87 22.33
N SER A 2 -21.67 -24.47 21.22
CA SER A 2 -22.37 -24.33 19.95
C SER A 2 -23.65 -25.16 19.94
N SER A 3 -23.50 -26.46 20.20
CA SER A 3 -24.63 -27.38 20.22
C SER A 3 -25.61 -27.04 19.09
N GLY A 4 -25.07 -26.73 17.92
CA GLY A 4 -25.90 -26.39 16.77
C GLY A 4 -25.11 -26.31 15.49
N SER A 5 -25.55 -25.42 14.59
CA SER A 5 -24.87 -25.25 13.31
C SER A 5 -24.49 -23.79 13.10
N SER A 6 -23.47 -23.57 12.28
CA SER A 6 -23.00 -22.21 12.00
C SER A 6 -23.33 -21.82 10.56
N GLY A 7 -23.98 -20.67 10.40
CA GLY A 7 -24.34 -20.19 9.08
C GLY A 7 -24.06 -18.72 8.89
N THR A 8 -23.17 -18.19 9.71
CA THR A 8 -22.80 -16.78 9.64
C THR A 8 -21.30 -16.60 9.45
N PRO A 9 -20.89 -16.14 8.27
CA PRO A 9 -19.48 -15.92 7.94
C PRO A 9 -18.88 -14.75 8.70
N GLY A 10 -17.56 -14.66 8.71
CA GLY A 10 -16.89 -13.58 9.41
C GLY A 10 -15.44 -13.43 8.99
N ARG A 11 -15.23 -12.94 7.77
CA ARG A 11 -13.88 -12.76 7.25
C ARG A 11 -13.21 -11.55 7.90
N GLY A 12 -11.90 -11.44 7.74
CA GLY A 12 -11.15 -10.34 8.32
C GLY A 12 -10.04 -9.85 7.42
N SER A 13 -8.87 -10.48 7.53
CA SER A 13 -7.72 -10.10 6.72
C SER A 13 -8.16 -9.66 5.33
N ARG A 14 -7.47 -8.65 4.79
CA ARG A 14 -7.78 -8.13 3.46
C ARG A 14 -6.76 -7.09 3.03
N VAL A 15 -6.49 -7.03 1.73
CA VAL A 15 -5.53 -6.09 1.19
C VAL A 15 -5.94 -4.65 1.49
N THR A 16 -5.03 -3.90 2.09
CA THR A 16 -5.29 -2.50 2.44
C THR A 16 -4.12 -1.61 2.05
N ASP A 17 -4.22 -0.97 0.89
CA ASP A 17 -3.17 -0.08 0.42
C ASP A 17 -1.82 -0.80 0.41
N GLN A 18 -1.85 -2.12 0.32
CA GLN A 18 -0.63 -2.92 0.30
C GLN A 18 -0.60 -3.85 -0.91
N GLY A 19 -1.12 -3.36 -2.03
CA GLY A 19 -1.13 -4.16 -3.24
C GLY A 19 0.05 -3.87 -4.15
N ILE A 20 -0.07 -2.83 -4.96
CA ILE A 20 1.00 -2.45 -5.88
C ILE A 20 1.08 -0.94 -6.04
N CYS A 21 2.29 -0.43 -6.21
CA CYS A 21 2.51 1.01 -6.38
C CYS A 21 2.18 1.43 -7.80
N PRO A 22 1.23 2.37 -7.94
CA PRO A 22 0.80 2.89 -9.24
C PRO A 22 1.88 3.76 -9.90
N LYS A 23 3.06 3.77 -9.30
CA LYS A 23 4.17 4.55 -9.83
C LYS A 23 5.27 3.65 -10.36
N HIS A 24 5.74 2.73 -9.52
CA HIS A 24 6.79 1.80 -9.91
C HIS A 24 6.24 0.39 -10.09
N GLN A 25 4.99 0.20 -9.66
CA GLN A 25 4.34 -1.10 -9.77
C GLN A 25 5.07 -2.15 -8.95
N GLU A 26 5.46 -1.78 -7.74
CA GLU A 26 6.17 -2.68 -6.84
C GLU A 26 5.30 -3.04 -5.63
N ALA A 27 5.26 -4.33 -5.31
CA ALA A 27 4.46 -4.81 -4.18
C ALA A 27 4.65 -3.91 -2.96
N LEU A 28 3.62 -3.14 -2.64
CA LEU A 28 3.67 -2.23 -1.50
C LEU A 28 3.88 -3.01 -0.20
N LYS A 29 5.12 -3.08 0.26
CA LYS A 29 5.45 -3.79 1.49
C LYS A 29 6.02 -2.83 2.53
N LEU A 30 5.67 -1.55 2.41
CA LEU A 30 6.14 -0.54 3.34
C LEU A 30 5.09 0.57 3.52
N PHE A 31 5.25 1.35 4.58
CA PHE A 31 4.33 2.44 4.86
C PHE A 31 5.06 3.63 5.47
N CYS A 32 4.93 4.79 4.83
CA CYS A 32 5.58 6.00 5.30
C CYS A 32 4.91 6.52 6.57
N GLU A 33 5.66 6.55 7.67
CA GLU A 33 5.14 7.01 8.95
C GLU A 33 5.13 8.53 9.00
N VAL A 34 5.48 9.16 7.89
CA VAL A 34 5.51 10.62 7.81
C VAL A 34 4.40 11.15 6.91
N ASP A 35 4.02 10.35 5.92
CA ASP A 35 2.96 10.73 5.00
C ASP A 35 1.69 9.92 5.24
N GLU A 36 1.84 8.84 6.01
CA GLU A 36 0.70 7.97 6.32
C GLU A 36 0.12 7.35 5.05
N GLU A 37 1.01 6.90 4.17
CA GLU A 37 0.60 6.28 2.91
C GLU A 37 1.50 5.09 2.56
N ALA A 38 0.88 3.95 2.30
CA ALA A 38 1.62 2.75 1.95
C ALA A 38 2.44 2.96 0.68
N ILE A 39 3.69 2.48 0.69
CA ILE A 39 4.57 2.63 -0.45
C ILE A 39 5.29 1.31 -0.75
N CYS A 40 6.03 1.28 -1.85
CA CYS A 40 6.77 0.09 -2.26
C CYS A 40 8.26 0.24 -1.95
N VAL A 41 9.00 -0.83 -2.17
CA VAL A 41 10.44 -0.82 -1.91
C VAL A 41 11.11 0.34 -2.63
N VAL A 42 10.73 0.57 -3.88
CA VAL A 42 11.30 1.64 -4.68
C VAL A 42 10.98 3.01 -4.06
N CYS A 43 9.71 3.23 -3.78
CA CYS A 43 9.27 4.49 -3.19
C CYS A 43 10.09 4.82 -1.95
N ARG A 44 10.24 3.84 -1.07
CA ARG A 44 10.99 4.02 0.17
C ARG A 44 12.41 4.52 -0.13
N GLU A 45 13.07 3.86 -1.08
CA GLU A 45 14.43 4.25 -1.46
C GLU A 45 14.46 5.67 -2.01
N SER A 46 13.38 6.06 -2.68
CA SER A 46 13.29 7.40 -3.26
C SER A 46 13.44 8.47 -2.19
N ARG A 47 14.46 9.31 -2.33
CA ARG A 47 14.72 10.38 -1.37
C ARG A 47 13.40 10.97 -0.85
N SER A 48 12.37 10.93 -1.69
CA SER A 48 11.07 11.46 -1.32
C SER A 48 10.63 10.93 0.04
N HIS A 49 10.65 9.61 0.18
CA HIS A 49 10.26 8.97 1.44
C HIS A 49 11.48 8.51 2.23
N LYS A 50 12.58 8.28 1.52
CA LYS A 50 13.83 7.84 2.15
C LYS A 50 13.98 8.47 3.52
N GLN A 51 14.14 9.79 3.55
CA GLN A 51 14.30 10.51 4.81
C GLN A 51 13.21 10.15 5.80
N HIS A 52 11.98 9.98 5.29
CA HIS A 52 10.85 9.62 6.13
C HIS A 52 11.03 8.22 6.71
N SER A 53 10.66 8.06 7.99
CA SER A 53 10.78 6.77 8.66
C SER A 53 9.72 5.80 8.17
N VAL A 54 10.06 5.00 7.17
CA VAL A 54 9.14 4.03 6.61
C VAL A 54 9.16 2.72 7.41
N VAL A 55 8.02 2.05 7.46
CA VAL A 55 7.90 0.79 8.19
C VAL A 55 7.32 -0.30 7.31
N PRO A 56 7.67 -1.56 7.61
CA PRO A 56 7.20 -2.72 6.86
C PRO A 56 5.71 -2.98 7.08
N LEU A 57 4.90 -2.68 6.06
CA LEU A 57 3.45 -2.87 6.14
C LEU A 57 3.12 -4.18 6.85
N GLY A 1 -23.56 -15.83 32.75
CA GLY A 1 -24.43 -16.06 31.61
C GLY A 1 -23.72 -15.81 30.29
N SER A 2 -22.78 -16.69 29.96
CA SER A 2 -22.02 -16.57 28.73
C SER A 2 -22.77 -17.21 27.56
N SER A 3 -23.65 -16.43 26.94
CA SER A 3 -24.44 -16.92 25.81
C SER A 3 -23.98 -16.28 24.50
N GLY A 4 -24.45 -16.83 23.38
CA GLY A 4 -24.07 -16.31 22.08
C GLY A 4 -23.94 -14.80 22.09
N SER A 5 -22.89 -14.29 21.45
CA SER A 5 -22.65 -12.85 21.39
C SER A 5 -21.60 -12.52 20.35
N SER A 6 -21.48 -11.24 20.01
CA SER A 6 -20.52 -10.79 19.01
C SER A 6 -20.72 -11.52 17.69
N GLY A 7 -21.94 -11.51 17.19
CA GLY A 7 -22.24 -12.18 15.94
C GLY A 7 -21.62 -11.48 14.74
N THR A 8 -22.13 -10.28 14.45
CA THR A 8 -21.62 -9.50 13.31
C THR A 8 -20.10 -9.38 13.37
N PRO A 9 -19.46 -9.49 12.20
CA PRO A 9 -18.00 -9.39 12.09
C PRO A 9 -17.49 -7.97 12.34
N GLY A 10 -16.20 -7.85 12.60
CA GLY A 10 -15.61 -6.54 12.85
C GLY A 10 -14.14 -6.47 12.44
N ARG A 11 -13.72 -7.42 11.60
CA ARG A 11 -12.35 -7.46 11.14
C ARG A 11 -11.94 -6.12 10.52
N GLY A 12 -10.63 -5.87 10.48
CA GLY A 12 -10.14 -4.62 9.93
C GLY A 12 -10.55 -4.44 8.48
N SER A 13 -11.54 -3.58 8.26
CA SER A 13 -12.02 -3.32 6.90
C SER A 13 -11.20 -2.22 6.23
N ARG A 14 -11.11 -1.08 6.90
CA ARG A 14 -10.36 0.06 6.36
C ARG A 14 -8.89 -0.04 6.76
N VAL A 15 -8.01 -0.03 5.77
CA VAL A 15 -6.58 -0.11 6.02
C VAL A 15 -5.78 0.31 4.78
N THR A 16 -4.66 1.01 5.01
CA THR A 16 -3.83 1.48 3.93
C THR A 16 -3.77 0.46 2.78
N ASP A 17 -3.67 0.95 1.56
CA ASP A 17 -3.61 0.08 0.39
C ASP A 17 -2.20 -0.46 0.19
N GLN A 18 -1.97 -1.68 0.67
CA GLN A 18 -0.66 -2.31 0.54
C GLN A 18 -0.62 -3.23 -0.67
N GLY A 19 -1.24 -2.79 -1.76
CA GLY A 19 -1.26 -3.58 -2.97
C GLY A 19 -0.03 -3.36 -3.84
N ILE A 20 -0.10 -2.36 -4.70
CA ILE A 20 1.00 -2.04 -5.59
C ILE A 20 1.14 -0.53 -5.77
N CYS A 21 2.38 -0.07 -5.99
CA CYS A 21 2.65 1.34 -6.18
C CYS A 21 2.33 1.77 -7.61
N PRO A 22 1.41 2.73 -7.75
CA PRO A 22 1.00 3.26 -9.06
C PRO A 22 2.10 4.07 -9.73
N LYS A 23 3.28 4.09 -9.11
CA LYS A 23 4.42 4.83 -9.65
C LYS A 23 5.47 3.89 -10.20
N HIS A 24 5.89 2.93 -9.38
CA HIS A 24 6.90 1.96 -9.78
C HIS A 24 6.28 0.59 -10.00
N GLN A 25 5.06 0.41 -9.50
CA GLN A 25 4.35 -0.86 -9.63
C GLN A 25 5.09 -1.97 -8.88
N GLU A 26 5.49 -1.68 -7.64
CA GLU A 26 6.20 -2.65 -6.82
C GLU A 26 5.37 -3.03 -5.60
N ALA A 27 5.30 -4.32 -5.32
CA ALA A 27 4.55 -4.81 -4.17
C ALA A 27 4.78 -3.93 -2.94
N LEU A 28 3.76 -3.15 -2.58
CA LEU A 28 3.85 -2.26 -1.43
C LEU A 28 4.03 -3.06 -0.14
N LYS A 29 5.27 -3.15 0.32
CA LYS A 29 5.58 -3.88 1.55
C LYS A 29 6.08 -2.93 2.64
N LEU A 30 5.82 -1.64 2.45
CA LEU A 30 6.24 -0.63 3.42
C LEU A 30 5.20 0.47 3.54
N PHE A 31 5.19 1.16 4.68
CA PHE A 31 4.26 2.24 4.92
C PHE A 31 4.96 3.46 5.49
N CYS A 32 4.86 4.59 4.79
CA CYS A 32 5.49 5.82 5.23
C CYS A 32 4.80 6.38 6.47
N GLU A 33 5.57 6.49 7.56
CA GLU A 33 5.02 7.01 8.81
C GLU A 33 4.98 8.54 8.80
N VAL A 34 5.34 9.13 7.67
CA VAL A 34 5.34 10.58 7.52
C VAL A 34 4.20 11.04 6.62
N ASP A 35 3.82 10.18 5.68
CA ASP A 35 2.74 10.50 4.74
C ASP A 35 1.50 9.66 5.03
N GLU A 36 1.68 8.60 5.83
CA GLU A 36 0.58 7.73 6.18
C GLU A 36 0.02 7.01 4.95
N GLU A 37 0.93 6.53 4.10
CA GLU A 37 0.54 5.83 2.88
C GLU A 37 1.46 4.64 2.62
N ALA A 38 0.88 3.54 2.14
CA ALA A 38 1.66 2.34 1.84
C ALA A 38 2.49 2.53 0.58
N ILE A 39 3.79 2.37 0.71
CA ILE A 39 4.69 2.52 -0.43
C ILE A 39 5.39 1.20 -0.76
N CYS A 40 6.24 1.22 -1.77
CA CYS A 40 6.97 0.03 -2.19
C CYS A 40 8.45 0.13 -1.82
N VAL A 41 9.22 -0.88 -2.19
CA VAL A 41 10.65 -0.91 -1.90
C VAL A 41 11.37 0.26 -2.57
N VAL A 42 10.96 0.56 -3.81
CA VAL A 42 11.57 1.65 -4.56
C VAL A 42 11.27 3.00 -3.90
N CYS A 43 10.01 3.24 -3.60
CA CYS A 43 9.59 4.48 -2.96
C CYS A 43 10.40 4.74 -1.69
N ARG A 44 10.51 3.72 -0.84
CA ARG A 44 11.24 3.84 0.41
C ARG A 44 12.66 4.34 0.15
N GLU A 45 13.25 3.90 -0.96
CA GLU A 45 14.61 4.31 -1.31
C GLU A 45 14.60 5.66 -2.03
N SER A 46 13.46 6.00 -2.63
CA SER A 46 13.32 7.25 -3.36
C SER A 46 13.31 8.43 -2.40
N ARG A 47 14.15 9.43 -2.68
CA ARG A 47 14.23 10.62 -1.84
C ARG A 47 12.84 11.06 -1.37
N SER A 48 11.82 10.69 -2.16
CA SER A 48 10.45 11.05 -1.83
C SER A 48 10.08 10.57 -0.43
N HIS A 49 10.42 9.32 -0.13
CA HIS A 49 10.12 8.74 1.18
C HIS A 49 11.39 8.19 1.83
N LYS A 50 12.54 8.55 1.26
CA LYS A 50 13.82 8.10 1.79
C LYS A 50 14.00 8.54 3.24
N GLN A 51 14.12 9.85 3.44
CA GLN A 51 14.30 10.41 4.77
C GLN A 51 13.12 10.06 5.68
N HIS A 52 11.96 9.86 5.06
CA HIS A 52 10.75 9.52 5.80
C HIS A 52 10.89 8.15 6.48
N SER A 53 10.44 8.06 7.72
CA SER A 53 10.52 6.81 8.47
C SER A 53 9.46 5.82 8.00
N VAL A 54 9.89 4.85 7.18
CA VAL A 54 8.97 3.85 6.65
C VAL A 54 9.05 2.56 7.48
N VAL A 55 7.95 1.81 7.48
CA VAL A 55 7.88 0.56 8.23
C VAL A 55 7.32 -0.57 7.36
N PRO A 56 7.70 -1.81 7.69
CA PRO A 56 7.24 -2.99 6.96
C PRO A 56 5.76 -3.28 7.18
N LEU A 57 4.93 -2.86 6.24
CA LEU A 57 3.49 -3.08 6.33
C LEU A 57 3.18 -4.41 7.02
N GLY A 1 -28.38 -25.54 -22.03
CA GLY A 1 -27.15 -25.55 -21.27
C GLY A 1 -26.39 -24.24 -21.39
N SER A 2 -26.77 -23.27 -20.56
CA SER A 2 -26.12 -21.96 -20.58
C SER A 2 -24.67 -22.07 -20.13
N SER A 3 -23.74 -21.90 -21.06
CA SER A 3 -22.32 -21.97 -20.76
C SER A 3 -21.94 -21.00 -19.65
N GLY A 4 -20.94 -21.36 -18.85
CA GLY A 4 -20.51 -20.51 -17.77
C GLY A 4 -19.42 -21.15 -16.92
N SER A 5 -19.19 -20.59 -15.74
CA SER A 5 -18.17 -21.11 -14.83
C SER A 5 -18.55 -22.50 -14.33
N SER A 6 -17.53 -23.32 -14.08
CA SER A 6 -17.76 -24.68 -13.60
C SER A 6 -16.86 -24.99 -12.40
N GLY A 7 -17.25 -24.48 -11.24
CA GLY A 7 -16.46 -24.71 -10.04
C GLY A 7 -15.86 -23.44 -9.49
N THR A 8 -15.01 -23.57 -8.46
CA THR A 8 -14.37 -22.43 -7.85
C THR A 8 -13.44 -21.72 -8.83
N PRO A 9 -13.66 -20.41 -9.01
CA PRO A 9 -12.86 -19.59 -9.92
C PRO A 9 -11.43 -19.38 -9.41
N GLY A 10 -11.30 -19.18 -8.11
CA GLY A 10 -9.99 -18.97 -7.52
C GLY A 10 -9.64 -17.51 -7.37
N ARG A 11 -9.97 -16.93 -6.21
CA ARG A 11 -9.69 -15.53 -5.95
C ARG A 11 -8.87 -15.36 -4.68
N GLY A 12 -9.31 -16.02 -3.61
CA GLY A 12 -8.60 -15.94 -2.34
C GLY A 12 -8.85 -14.62 -1.63
N SER A 13 -7.85 -14.17 -0.87
CA SER A 13 -7.96 -12.93 -0.13
C SER A 13 -6.98 -11.89 -0.67
N ARG A 14 -7.47 -10.67 -0.89
CA ARG A 14 -6.65 -9.59 -1.40
C ARG A 14 -6.31 -8.59 -0.31
N VAL A 15 -5.35 -7.71 -0.58
CA VAL A 15 -4.94 -6.70 0.38
C VAL A 15 -5.89 -5.51 0.38
N THR A 16 -5.56 -4.49 1.17
CA THR A 16 -6.39 -3.30 1.26
C THR A 16 -5.59 -2.05 0.93
N ASP A 17 -4.42 -1.92 1.54
CA ASP A 17 -3.56 -0.77 1.31
C ASP A 17 -2.15 -1.22 0.96
N GLN A 18 -2.01 -2.47 0.55
CA GLN A 18 -0.71 -3.03 0.18
C GLN A 18 -0.78 -3.74 -1.16
N GLY A 19 -1.38 -3.07 -2.15
CA GLY A 19 -1.50 -3.65 -3.48
C GLY A 19 -0.25 -3.46 -4.31
N ILE A 20 -0.25 -2.41 -5.13
CA ILE A 20 0.90 -2.12 -5.99
C ILE A 20 1.04 -0.62 -6.20
N CYS A 21 2.28 -0.14 -6.15
CA CYS A 21 2.57 1.27 -6.34
C CYS A 21 2.30 1.70 -7.78
N PRO A 22 1.38 2.66 -7.96
CA PRO A 22 1.02 3.17 -9.28
C PRO A 22 2.13 3.98 -9.92
N LYS A 23 3.29 4.00 -9.27
CA LYS A 23 4.44 4.75 -9.78
C LYS A 23 5.51 3.80 -10.29
N HIS A 24 5.93 2.86 -9.44
CA HIS A 24 6.96 1.89 -9.81
C HIS A 24 6.34 0.51 -10.03
N GLN A 25 5.10 0.35 -9.59
CA GLN A 25 4.41 -0.93 -9.74
C GLN A 25 5.09 -2.02 -8.93
N GLU A 26 5.55 -1.67 -7.73
CA GLU A 26 6.23 -2.62 -6.86
C GLU A 26 5.36 -3.00 -5.67
N ALA A 27 5.26 -4.29 -5.39
CA ALA A 27 4.46 -4.78 -4.27
C ALA A 27 4.63 -3.88 -3.05
N LEU A 28 3.56 -3.18 -2.69
CA LEU A 28 3.58 -2.30 -1.53
C LEU A 28 3.74 -3.08 -0.23
N LYS A 29 4.91 -3.00 0.37
CA LYS A 29 5.19 -3.71 1.61
C LYS A 29 5.79 -2.76 2.65
N LEU A 30 5.58 -1.47 2.45
CA LEU A 30 6.10 -0.46 3.37
C LEU A 30 5.08 0.65 3.60
N PHE A 31 5.16 1.29 4.76
CA PHE A 31 4.24 2.38 5.09
C PHE A 31 5.01 3.59 5.64
N CYS A 32 4.79 4.74 5.01
CA CYS A 32 5.46 5.97 5.42
C CYS A 32 4.82 6.54 6.67
N GLU A 33 5.58 6.52 7.77
CA GLU A 33 5.09 7.04 9.04
C GLU A 33 5.09 8.57 9.05
N VAL A 34 5.39 9.15 7.89
CA VAL A 34 5.43 10.61 7.77
C VAL A 34 4.31 11.10 6.87
N ASP A 35 3.96 10.31 5.86
CA ASP A 35 2.90 10.68 4.93
C ASP A 35 1.65 9.83 5.17
N GLU A 36 1.81 8.76 5.94
CA GLU A 36 0.70 7.87 6.25
C GLU A 36 0.11 7.27 4.97
N GLU A 37 0.99 6.84 4.06
CA GLU A 37 0.57 6.25 2.80
C GLU A 37 1.44 5.05 2.44
N ALA A 38 0.78 3.95 2.04
CA ALA A 38 1.51 2.74 1.66
C ALA A 38 2.40 2.99 0.45
N ILE A 39 3.62 2.46 0.51
CA ILE A 39 4.57 2.63 -0.57
C ILE A 39 5.30 1.32 -0.87
N CYS A 40 6.16 1.35 -1.88
CA CYS A 40 6.92 0.16 -2.26
C CYS A 40 8.41 0.35 -1.98
N VAL A 41 9.17 -0.74 -2.08
CA VAL A 41 10.60 -0.69 -1.84
C VAL A 41 11.25 0.50 -2.55
N VAL A 42 10.95 0.63 -3.84
CA VAL A 42 11.50 1.72 -4.64
C VAL A 42 11.20 3.08 -4.00
N CYS A 43 9.92 3.30 -3.68
CA CYS A 43 9.50 4.55 -3.08
C CYS A 43 10.34 4.87 -1.84
N ARG A 44 10.44 3.91 -0.93
CA ARG A 44 11.22 4.09 0.29
C ARG A 44 12.65 4.53 -0.04
N GLU A 45 13.29 3.80 -0.95
CA GLU A 45 14.66 4.12 -1.34
C GLU A 45 14.72 5.49 -2.02
N SER A 46 13.64 5.85 -2.71
CA SER A 46 13.58 7.12 -3.41
C SER A 46 13.48 8.29 -2.43
N ARG A 47 14.32 9.29 -2.61
CA ARG A 47 14.32 10.47 -1.74
C ARG A 47 12.90 10.82 -1.31
N SER A 48 11.93 10.53 -2.17
CA SER A 48 10.53 10.82 -1.90
C SER A 48 10.17 10.39 -0.48
N HIS A 49 10.56 9.18 -0.12
CA HIS A 49 10.27 8.65 1.21
C HIS A 49 11.51 8.01 1.82
N LYS A 50 12.68 8.53 1.46
CA LYS A 50 13.94 8.01 1.97
C LYS A 50 14.22 8.55 3.38
N GLN A 51 14.07 9.86 3.55
CA GLN A 51 14.30 10.50 4.83
C GLN A 51 13.16 10.21 5.80
N HIS A 52 12.00 9.86 5.25
CA HIS A 52 10.82 9.56 6.07
C HIS A 52 10.98 8.19 6.74
N SER A 53 10.57 8.12 8.00
CA SER A 53 10.66 6.88 8.76
C SER A 53 9.63 5.87 8.27
N VAL A 54 10.01 5.05 7.30
CA VAL A 54 9.12 4.04 6.75
C VAL A 54 9.21 2.74 7.53
N VAL A 55 8.11 2.01 7.58
CA VAL A 55 8.06 0.74 8.31
C VAL A 55 7.45 -0.36 7.45
N PRO A 56 7.86 -1.61 7.70
CA PRO A 56 7.36 -2.77 6.96
C PRO A 56 5.90 -3.08 7.27
N LEU A 57 5.02 -2.72 6.34
CA LEU A 57 3.59 -2.96 6.50
C LEU A 57 3.34 -4.29 7.22
N GLY A 1 -41.19 3.61 -16.01
CA GLY A 1 -40.26 2.54 -16.35
C GLY A 1 -39.92 1.67 -15.15
N SER A 2 -40.51 0.49 -15.10
CA SER A 2 -40.26 -0.44 -14.00
C SER A 2 -38.79 -0.43 -13.61
N SER A 3 -38.53 -0.24 -12.32
CA SER A 3 -37.16 -0.22 -11.81
C SER A 3 -36.73 -1.59 -11.30
N GLY A 4 -35.43 -1.80 -11.21
CA GLY A 4 -34.91 -3.08 -10.74
C GLY A 4 -33.92 -2.92 -9.62
N SER A 5 -33.97 -3.83 -8.64
CA SER A 5 -33.07 -3.78 -7.50
C SER A 5 -32.47 -5.16 -7.23
N SER A 6 -31.18 -5.30 -7.48
CA SER A 6 -30.49 -6.56 -7.26
C SER A 6 -28.98 -6.35 -7.14
N GLY A 7 -28.35 -7.08 -6.23
CA GLY A 7 -26.91 -6.96 -6.04
C GLY A 7 -26.47 -7.45 -4.67
N THR A 8 -25.33 -8.12 -4.62
CA THR A 8 -24.79 -8.65 -3.38
C THR A 8 -23.53 -7.89 -2.96
N PRO A 9 -23.71 -6.85 -2.14
CA PRO A 9 -22.60 -6.02 -1.64
C PRO A 9 -21.72 -6.78 -0.65
N GLY A 10 -20.54 -7.18 -1.10
CA GLY A 10 -19.62 -7.90 -0.24
C GLY A 10 -18.26 -7.24 -0.15
N ARG A 11 -18.26 -5.92 0.02
CA ARG A 11 -17.03 -5.16 0.12
C ARG A 11 -17.04 -4.24 1.34
N GLY A 12 -16.49 -4.73 2.46
CA GLY A 12 -16.46 -3.95 3.67
C GLY A 12 -15.12 -4.04 4.38
N SER A 13 -14.55 -5.24 4.42
CA SER A 13 -13.26 -5.45 5.08
C SER A 13 -12.32 -4.28 4.81
N ARG A 14 -11.96 -3.58 5.88
CA ARG A 14 -11.05 -2.43 5.77
C ARG A 14 -9.62 -2.82 6.11
N VAL A 15 -8.71 -2.61 5.17
CA VAL A 15 -7.30 -2.95 5.39
C VAL A 15 -6.39 -1.98 4.65
N THR A 16 -5.21 -1.75 5.21
CA THR A 16 -4.24 -0.83 4.61
C THR A 16 -4.17 -1.03 3.11
N ASP A 17 -3.55 -0.08 2.42
CA ASP A 17 -3.40 -0.16 0.97
C ASP A 17 -2.08 -0.82 0.59
N GLN A 18 -1.96 -2.11 0.85
CA GLN A 18 -0.75 -2.86 0.54
C GLN A 18 -0.92 -3.68 -0.73
N GLY A 19 -0.89 -3.00 -1.88
CA GLY A 19 -1.04 -3.69 -3.15
C GLY A 19 0.12 -3.45 -4.09
N ILE A 20 -0.06 -2.52 -5.03
CA ILE A 20 0.99 -2.20 -5.99
C ILE A 20 1.11 -0.69 -6.18
N CYS A 21 2.35 -0.20 -6.17
CA CYS A 21 2.60 1.23 -6.35
C CYS A 21 2.28 1.66 -7.78
N PRO A 22 1.33 2.62 -7.90
CA PRO A 22 0.92 3.13 -9.21
C PRO A 22 1.99 3.98 -9.87
N LYS A 23 3.18 3.99 -9.27
CA LYS A 23 4.31 4.75 -9.80
C LYS A 23 5.39 3.83 -10.33
N HIS A 24 5.83 2.90 -9.49
CA HIS A 24 6.86 1.95 -9.88
C HIS A 24 6.27 0.56 -10.09
N GLN A 25 5.04 0.37 -9.64
CA GLN A 25 4.37 -0.91 -9.79
C GLN A 25 5.10 -2.01 -9.02
N GLU A 26 5.39 -1.73 -7.75
CA GLU A 26 6.10 -2.69 -6.91
C GLU A 26 5.27 -3.04 -5.67
N ALA A 27 5.16 -4.32 -5.38
CA ALA A 27 4.40 -4.79 -4.23
C ALA A 27 4.62 -3.87 -3.02
N LEU A 28 3.53 -3.24 -2.57
CA LEU A 28 3.60 -2.34 -1.42
C LEU A 28 3.78 -3.12 -0.13
N LYS A 29 4.99 -3.07 0.43
CA LYS A 29 5.28 -3.76 1.68
C LYS A 29 5.88 -2.81 2.71
N LEU A 30 5.64 -1.52 2.53
CA LEU A 30 6.15 -0.50 3.44
C LEU A 30 5.12 0.60 3.66
N PHE A 31 5.20 1.26 4.81
CA PHE A 31 4.27 2.34 5.14
C PHE A 31 5.03 3.55 5.66
N CYS A 32 4.80 4.70 5.02
CA CYS A 32 5.46 5.94 5.41
C CYS A 32 4.80 6.54 6.65
N GLU A 33 5.54 6.57 7.76
CA GLU A 33 5.03 7.12 9.00
C GLU A 33 5.02 8.65 8.97
N VAL A 34 5.31 9.20 7.81
CA VAL A 34 5.33 10.65 7.64
C VAL A 34 4.22 11.12 6.73
N ASP A 35 3.89 10.30 5.73
CA ASP A 35 2.84 10.63 4.79
C ASP A 35 1.59 9.78 5.04
N GLU A 36 1.76 8.70 5.80
CA GLU A 36 0.66 7.81 6.11
C GLU A 36 0.09 7.18 4.85
N GLU A 37 0.98 6.69 3.98
CA GLU A 37 0.56 6.06 2.73
C GLU A 37 1.45 4.87 2.39
N ALA A 38 0.83 3.76 1.99
CA ALA A 38 1.57 2.56 1.64
C ALA A 38 2.45 2.80 0.42
N ILE A 39 3.73 2.43 0.54
CA ILE A 39 4.67 2.61 -0.55
C ILE A 39 5.43 1.31 -0.84
N CYS A 40 6.20 1.31 -1.91
CA CYS A 40 6.97 0.13 -2.30
C CYS A 40 8.45 0.32 -1.99
N VAL A 41 9.25 -0.72 -2.23
CA VAL A 41 10.68 -0.66 -1.98
C VAL A 41 11.31 0.54 -2.69
N VAL A 42 10.96 0.71 -3.96
CA VAL A 42 11.49 1.81 -4.75
C VAL A 42 11.18 3.15 -4.10
N CYS A 43 9.91 3.38 -3.79
CA CYS A 43 9.48 4.62 -3.17
C CYS A 43 10.34 4.95 -1.95
N ARG A 44 10.44 3.99 -1.03
CA ARG A 44 11.24 4.17 0.17
C ARG A 44 12.66 4.58 -0.16
N GLU A 45 13.28 3.82 -1.07
CA GLU A 45 14.65 4.11 -1.48
C GLU A 45 14.76 5.49 -2.11
N SER A 46 13.68 5.93 -2.76
CA SER A 46 13.65 7.23 -3.40
C SER A 46 13.56 8.36 -2.37
N ARG A 47 14.41 9.36 -2.54
CA ARG A 47 14.43 10.50 -1.63
C ARG A 47 13.02 10.88 -1.20
N SER A 48 12.05 10.57 -2.04
CA SER A 48 10.65 10.88 -1.76
C SER A 48 10.27 10.43 -0.35
N HIS A 49 10.53 9.16 -0.06
CA HIS A 49 10.22 8.59 1.24
C HIS A 49 11.45 7.95 1.88
N LYS A 50 12.63 8.43 1.49
CA LYS A 50 13.88 7.90 2.01
C LYS A 50 14.16 8.44 3.41
N GLN A 51 13.99 9.76 3.58
CA GLN A 51 14.22 10.40 4.87
C GLN A 51 13.06 10.14 5.82
N HIS A 52 11.89 9.81 5.25
CA HIS A 52 10.71 9.55 6.04
C HIS A 52 10.81 8.19 6.73
N SER A 53 10.42 8.14 8.01
CA SER A 53 10.47 6.91 8.78
C SER A 53 9.42 5.92 8.27
N VAL A 54 9.86 4.99 7.43
CA VAL A 54 8.96 3.97 6.88
C VAL A 54 9.03 2.68 7.70
N VAL A 55 7.99 1.86 7.57
CA VAL A 55 7.94 0.59 8.29
C VAL A 55 7.37 -0.52 7.40
N PRO A 56 7.77 -1.76 7.68
CA PRO A 56 7.32 -2.93 6.92
C PRO A 56 5.84 -3.25 7.17
N LEU A 57 5.00 -2.92 6.21
CA LEU A 57 3.57 -3.17 6.33
C LEU A 57 3.30 -4.57 6.86
#